data_7PRQ
#
_entry.id   7PRQ
#
_cell.length_a   56.138
_cell.length_b   104.864
_cell.length_c   118.602
_cell.angle_alpha   90.000
_cell.angle_beta   90.000
_cell.angle_gamma   90.000
#
_symmetry.space_group_name_H-M   'P 21 21 21'
#
loop_
_entity.id
_entity.type
_entity.pdbx_description
1 polymer 'Probable chemotaxis transducer'
2 non-polymer 'CHOLINE ION'
3 non-polymer 1,2-ETHANEDIOL
4 non-polymer GLYCEROL
5 water water
#
_entity_poly.entity_id   1
_entity_poly.type   'polypeptide(L)'
_entity_poly.pdbx_seq_one_letter_code
;MGSSHHHHHHSGLVPRGSHMAGARTQELVQQRTQGLLEKVINERLVALARAQVSQIQRELEYPLTVVHGLANSTRLLGEP
GADGMPQLNASRDEISALLRSTVQNNPKLLDTFMAWEPNAFDTDAAFAGQPGKGYGPDGRYLPWWYRGADGKPIVEAMAD
SIDSEKLLPTGVRENEFYACPKENKRPCIIDPAPYEMGGKTVMMSSFNVPIMVGDQFRGAVGADLSLAFIQDLLKRADQQ
LYDGAGEMALIASNGRLVAYTRDDSKLGEPAGSVLDGNEVDNLKNLTVDQPLYDIDAEHGHIELFLPFTIADSGVRWTLM
LQIPQAAVFGELQQLQGELSDQRQQDILGM
;
_entity_poly.pdbx_strand_id   A,B
#
loop_
_chem_comp.id
_chem_comp.type
_chem_comp.name
_chem_comp.formula
CHT non-polymer 'CHOLINE ION' 'C5 H14 N O 1'
EDO non-polymer 1,2-ETHANEDIOL 'C2 H6 O2'
GOL non-polymer GLYCEROL 'C3 H8 O3'
#
# COMPACT_ATOMS: atom_id res chain seq x y z
N GLY A 35 -10.89 19.98 30.90
CA GLY A 35 -10.92 20.15 29.46
C GLY A 35 -9.69 19.59 28.77
N LEU A 36 -8.51 20.07 29.19
CA LEU A 36 -7.27 19.70 28.52
C LEU A 36 -6.98 18.22 28.67
N LEU A 37 -7.25 17.67 29.85
CA LEU A 37 -7.00 16.24 30.06
C LEU A 37 -7.87 15.40 29.13
N GLU A 38 -9.17 15.68 29.10
CA GLU A 38 -10.07 14.93 28.22
C GLU A 38 -9.62 15.07 26.77
N LYS A 39 -9.18 16.26 26.38
CA LYS A 39 -8.66 16.44 25.02
C LYS A 39 -7.47 15.53 24.75
N VAL A 40 -6.49 15.50 25.66
CA VAL A 40 -5.30 14.70 25.39
C VAL A 40 -5.64 13.22 25.33
N ILE A 41 -6.64 12.80 26.10
CA ILE A 41 -7.07 11.40 26.04
C ILE A 41 -7.79 11.12 24.72
N ASN A 42 -8.75 11.98 24.38
CA ASN A 42 -9.48 11.85 23.12
C ASN A 42 -8.53 11.82 21.92
N GLU A 43 -7.47 12.64 21.97
CA GLU A 43 -6.56 12.72 20.83
C GLU A 43 -5.74 11.46 20.71
N ARG A 44 -5.50 10.78 21.81
CA ARG A 44 -4.87 9.47 21.71
C ARG A 44 -5.78 8.47 21.05
N LEU A 45 -7.03 8.42 21.51
CA LEU A 45 -7.99 7.50 20.92
C LEU A 45 -8.09 7.68 19.42
N VAL A 46 -8.17 8.95 18.97
CA VAL A 46 -8.39 9.22 17.55
C VAL A 46 -7.16 8.83 16.74
N ALA A 47 -5.95 9.12 17.26
CA ALA A 47 -4.71 8.71 16.59
C ALA A 47 -4.66 7.22 16.42
N LEU A 48 -4.98 6.48 17.48
CA LEU A 48 -4.93 5.03 17.38
C LEU A 48 -5.96 4.54 16.36
N ALA A 49 -7.13 5.14 16.34
CA ALA A 49 -8.11 4.77 15.33
C ALA A 49 -7.64 5.14 13.93
N ARG A 50 -7.04 6.32 13.79
CA ARG A 50 -6.53 6.73 12.47
C ARG A 50 -5.46 5.76 11.98
N ALA A 51 -4.61 5.28 12.89
CA ALA A 51 -3.58 4.31 12.50
C ALA A 51 -4.22 3.05 11.93
N GLN A 52 -5.36 2.63 12.50
CA GLN A 52 -6.05 1.46 11.97
C GLN A 52 -6.76 1.74 10.64
N VAL A 53 -7.34 2.93 10.44
CA VAL A 53 -7.87 3.29 9.11
C VAL A 53 -6.76 3.17 8.07
N SER A 54 -5.58 3.70 8.39
CA SER A 54 -4.46 3.65 7.47
C SER A 54 -4.05 2.24 7.15
N GLN A 55 -4.13 1.35 8.14
CA GLN A 55 -3.80 -0.05 7.88
C GLN A 55 -4.83 -0.71 6.97
N ILE A 56 -6.11 -0.44 7.21
CA ILE A 56 -7.15 -0.96 6.34
C ILE A 56 -7.00 -0.39 4.93
N GLN A 57 -6.66 0.91 4.82
CA GLN A 57 -6.47 1.52 3.50
C GLN A 57 -5.34 0.83 2.74
N ARG A 58 -4.24 0.60 3.43
CA ARG A 58 -3.13 -0.13 2.82
C ARG A 58 -3.60 -1.47 2.30
N GLU A 59 -4.35 -2.18 3.12
CA GLU A 59 -4.85 -3.48 2.68
C GLU A 59 -5.78 -3.37 1.48
N LEU A 60 -6.64 -2.34 1.46
CA LEU A 60 -7.65 -2.24 0.41
C LEU A 60 -7.14 -1.54 -0.84
N GLU A 61 -6.08 -0.71 -0.73
CA GLU A 61 -5.39 -0.16 -1.87
C GLU A 61 -4.59 -1.19 -2.64
N TYR A 62 -4.13 -2.25 -1.96
CA TYR A 62 -3.29 -3.25 -2.62
C TYR A 62 -3.96 -3.89 -3.86
N PRO A 63 -5.21 -4.34 -3.82
CA PRO A 63 -5.78 -4.99 -5.03
C PRO A 63 -5.86 -4.03 -6.19
N LEU A 64 -6.17 -2.77 -5.89
CA LEU A 64 -6.26 -1.77 -6.95
C LEU A 64 -4.91 -1.55 -7.62
N THR A 65 -3.82 -1.55 -6.82
CA THR A 65 -2.49 -1.39 -7.40
C THR A 65 -2.15 -2.58 -8.28
N VAL A 66 -2.47 -3.79 -7.81
CA VAL A 66 -2.27 -4.98 -8.63
C VAL A 66 -2.99 -4.84 -9.96
N VAL A 67 -4.28 -4.48 -9.94
CA VAL A 67 -5.02 -4.48 -11.21
C VAL A 67 -4.63 -3.27 -12.06
N HIS A 68 -4.19 -2.16 -11.43
CA HIS A 68 -3.60 -1.07 -12.20
C HIS A 68 -2.46 -1.60 -13.06
N GLY A 69 -1.60 -2.42 -12.46
CA GLY A 69 -0.50 -2.97 -13.24
C GLY A 69 -1.00 -3.76 -14.44
N LEU A 70 -1.96 -4.63 -14.23
CA LEU A 70 -2.46 -5.41 -15.36
C LEU A 70 -3.06 -4.51 -16.44
N ALA A 71 -3.77 -3.45 -16.03
CA ALA A 71 -4.39 -2.52 -16.97
C ALA A 71 -3.34 -1.72 -17.75
N ASN A 72 -2.25 -1.34 -17.07
CA ASN A 72 -1.17 -0.58 -17.70
C ASN A 72 -0.37 -1.44 -18.67
N SER A 73 -0.32 -2.77 -18.43
CA SER A 73 0.22 -3.70 -19.42
C SER A 73 -0.78 -3.96 -20.55
N THR A 74 -2.04 -4.23 -20.22
CA THR A 74 -2.97 -4.66 -21.26
C THR A 74 -3.35 -3.52 -22.20
N ARG A 75 -3.47 -2.29 -21.71
CA ARG A 75 -3.73 -1.21 -22.65
C ARG A 75 -2.69 -1.15 -23.79
N LEU A 76 -1.47 -1.70 -23.60
CA LEU A 76 -0.41 -1.64 -24.63
C LEU A 76 -0.73 -2.48 -25.87
N LEU A 77 -1.76 -3.34 -25.77
CA LEU A 77 -2.28 -4.04 -26.94
C LEU A 77 -2.85 -3.09 -27.96
N GLY A 78 -3.28 -1.92 -27.54
CA GLY A 78 -3.92 -0.98 -28.44
C GLY A 78 -3.15 0.31 -28.58
N GLU A 79 -1.93 0.40 -28.03
CA GLU A 79 -1.13 1.62 -28.14
C GLU A 79 0.02 1.37 -29.10
N PRO A 80 0.08 2.02 -30.25
CA PRO A 80 1.16 1.74 -31.18
C PRO A 80 2.50 2.19 -30.62
N GLY A 81 3.57 1.51 -31.02
CA GLY A 81 4.93 1.96 -30.72
C GLY A 81 5.59 2.61 -31.93
N ALA A 82 6.91 2.65 -31.89
CA ALA A 82 7.67 3.36 -32.91
C ALA A 82 7.48 2.77 -34.31
N ASP A 83 7.25 1.46 -34.42
CA ASP A 83 6.98 0.85 -35.72
C ASP A 83 5.50 0.88 -36.13
N GLY A 84 4.61 1.56 -35.40
CA GLY A 84 3.21 1.61 -35.78
C GLY A 84 2.34 0.42 -35.39
N MET A 85 2.94 -0.59 -34.72
CA MET A 85 2.33 -1.83 -34.23
C MET A 85 2.17 -1.75 -32.71
N PRO A 86 1.29 -2.56 -32.14
CA PRO A 86 1.03 -2.48 -30.70
C PRO A 86 2.32 -2.64 -29.92
N GLN A 87 2.42 -1.92 -28.80
CA GLN A 87 3.61 -2.04 -27.95
C GLN A 87 3.72 -3.40 -27.31
N LEU A 88 2.61 -4.09 -27.11
CA LEU A 88 2.59 -5.44 -26.54
C LEU A 88 1.79 -6.28 -27.53
N ASN A 89 2.42 -7.32 -28.07
CA ASN A 89 1.75 -8.16 -29.06
C ASN A 89 1.39 -9.52 -28.46
N ALA A 90 0.68 -9.50 -27.34
CA ALA A 90 0.31 -10.71 -26.61
C ALA A 90 -1.00 -11.29 -27.14
N SER A 91 -1.04 -12.62 -27.34
CA SER A 91 -2.29 -13.31 -27.62
C SER A 91 -3.20 -13.31 -26.38
N ARG A 92 -4.46 -13.71 -26.58
CA ARG A 92 -5.38 -13.83 -25.45
C ARG A 92 -4.85 -14.82 -24.41
N ASP A 93 -4.22 -15.91 -24.85
CA ASP A 93 -3.66 -16.89 -23.92
C ASP A 93 -2.57 -16.27 -23.05
N GLU A 94 -1.78 -15.35 -23.62
CA GLU A 94 -0.69 -14.74 -22.84
C GLU A 94 -1.28 -13.76 -21.83
N ILE A 95 -2.30 -13.02 -22.25
CA ILE A 95 -2.97 -12.13 -21.32
C ILE A 95 -3.56 -12.96 -20.18
N SER A 96 -4.19 -14.08 -20.51
CA SER A 96 -4.74 -14.88 -19.44
C SER A 96 -3.64 -15.45 -18.56
N ALA A 97 -2.47 -15.72 -19.14
CA ALA A 97 -1.34 -16.15 -18.33
C ALA A 97 -0.98 -15.10 -17.30
N LEU A 98 -1.00 -13.82 -17.70
CA LEU A 98 -0.80 -12.73 -16.73
C LEU A 98 -1.84 -12.77 -15.62
N LEU A 99 -3.10 -12.99 -15.97
CA LEU A 99 -4.16 -13.07 -14.97
C LEU A 99 -3.97 -14.28 -14.07
N ARG A 100 -3.67 -15.43 -14.66
CA ARG A 100 -3.45 -16.62 -13.86
CA ARG A 100 -3.45 -16.63 -13.87
C ARG A 100 -2.28 -16.45 -12.91
N SER A 101 -1.20 -15.77 -13.36
CA SER A 101 -0.01 -15.57 -12.54
C SER A 101 -0.34 -14.67 -11.37
N THR A 102 -1.20 -13.68 -11.61
CA THR A 102 -1.69 -12.84 -10.52
C THR A 102 -2.33 -13.68 -9.43
N VAL A 103 -3.25 -14.58 -9.81
CA VAL A 103 -3.95 -15.36 -8.79
C VAL A 103 -2.94 -16.23 -8.04
N GLN A 104 -2.05 -16.86 -8.78
CA GLN A 104 -1.10 -17.79 -8.19
C GLN A 104 -0.22 -17.08 -7.19
N ASN A 105 0.12 -15.81 -7.45
CA ASN A 105 1.17 -15.15 -6.71
C ASN A 105 0.66 -14.08 -5.76
N ASN A 106 -0.65 -14.00 -5.58
CA ASN A 106 -1.28 -13.07 -4.64
C ASN A 106 -2.31 -13.88 -3.87
N PRO A 107 -1.89 -14.67 -2.88
CA PRO A 107 -2.85 -15.47 -2.11
C PRO A 107 -3.94 -14.68 -1.43
N LYS A 108 -3.74 -13.42 -1.12
CA LYS A 108 -4.81 -12.68 -0.45
C LYS A 108 -5.96 -12.31 -1.39
N LEU A 109 -5.73 -12.29 -2.72
CA LEU A 109 -6.81 -11.98 -3.65
C LEU A 109 -7.64 -13.22 -3.86
N LEU A 110 -8.95 -13.05 -3.85
CA LEU A 110 -9.83 -14.17 -4.16
C LEU A 110 -9.69 -14.61 -5.62
N ASP A 111 -9.33 -13.70 -6.51
CA ASP A 111 -9.38 -14.03 -7.91
C ASP A 111 -8.68 -12.92 -8.71
N THR A 112 -8.80 -13.00 -10.03
CA THR A 112 -8.45 -11.90 -10.94
C THR A 112 -9.29 -12.12 -12.18
N PHE A 113 -9.83 -11.03 -12.74
CA PHE A 113 -10.72 -11.14 -13.89
C PHE A 113 -10.55 -9.93 -14.80
N MET A 114 -10.90 -10.14 -16.08
CA MET A 114 -10.81 -9.15 -17.15
C MET A 114 -11.95 -9.34 -18.14
N ALA A 115 -12.48 -8.22 -18.63
CA ALA A 115 -13.51 -8.26 -19.65
C ALA A 115 -13.10 -7.19 -20.66
N TRP A 116 -13.08 -7.54 -21.94
CA TRP A 116 -12.89 -6.57 -23.02
C TRP A 116 -14.24 -6.17 -23.62
N GLU A 117 -14.34 -4.92 -24.08
CA GLU A 117 -15.45 -4.54 -24.96
C GLU A 117 -15.51 -5.47 -26.17
N PRO A 118 -16.68 -5.61 -26.80
CA PRO A 118 -16.74 -6.41 -28.05
C PRO A 118 -15.73 -5.91 -29.08
N ASN A 119 -14.91 -6.83 -29.60
CA ASN A 119 -13.85 -6.54 -30.59
C ASN A 119 -12.91 -5.41 -30.14
N ALA A 120 -12.66 -5.29 -28.83
CA ALA A 120 -11.77 -4.23 -28.36
C ALA A 120 -10.37 -4.34 -28.95
N PHE A 121 -9.80 -5.54 -28.96
CA PHE A 121 -8.42 -5.70 -29.39
C PHE A 121 -8.24 -6.70 -30.53
N ASP A 122 -9.29 -7.38 -30.96
CA ASP A 122 -9.22 -8.43 -31.99
C ASP A 122 -10.66 -8.66 -32.45
N THR A 123 -10.89 -9.66 -33.30
CA THR A 123 -12.25 -9.94 -33.78
C THR A 123 -12.89 -11.06 -32.96
N ASP A 124 -13.90 -10.70 -32.18
CA ASP A 124 -14.51 -11.68 -31.28
C ASP A 124 -14.92 -12.94 -32.03
N ALA A 125 -15.40 -12.77 -33.27
CA ALA A 125 -16.01 -13.87 -34.01
C ALA A 125 -15.00 -14.97 -34.29
N ALA A 126 -13.71 -14.63 -34.36
CA ALA A 126 -12.71 -15.66 -34.61
C ALA A 126 -12.54 -16.62 -33.43
N PHE A 127 -13.02 -16.26 -32.24
CA PHE A 127 -12.85 -17.09 -31.06
C PHE A 127 -14.15 -17.69 -30.56
N ALA A 128 -15.26 -17.39 -31.20
CA ALA A 128 -16.56 -17.84 -30.73
C ALA A 128 -16.61 -19.35 -30.76
N GLY A 129 -17.14 -19.94 -29.70
CA GLY A 129 -17.26 -21.39 -29.62
C GLY A 129 -16.01 -22.11 -29.12
N GLN A 130 -14.92 -21.41 -28.87
CA GLN A 130 -13.76 -22.03 -28.25
C GLN A 130 -13.98 -22.16 -26.75
N PRO A 131 -13.87 -23.35 -26.18
CA PRO A 131 -14.16 -23.51 -24.76
C PRO A 131 -12.96 -23.37 -23.84
N GLY A 132 -13.29 -23.14 -22.58
CA GLY A 132 -12.33 -23.35 -21.51
C GLY A 132 -11.32 -22.24 -21.40
N LYS A 133 -11.62 -21.09 -22.01
CA LYS A 133 -10.68 -19.97 -22.03
C LYS A 133 -11.23 -18.70 -21.47
N GLY A 134 -12.46 -18.69 -20.95
CA GLY A 134 -13.01 -17.46 -20.47
C GLY A 134 -13.71 -16.63 -21.53
N TYR A 135 -14.01 -17.21 -22.70
CA TYR A 135 -14.65 -16.44 -23.76
C TYR A 135 -16.18 -16.54 -23.63
N GLY A 136 -16.87 -15.44 -23.92
CA GLY A 136 -18.31 -15.50 -24.10
C GLY A 136 -18.66 -16.38 -25.30
N PRO A 137 -19.93 -16.70 -25.47
CA PRO A 137 -20.30 -17.53 -26.63
C PRO A 137 -19.99 -16.88 -27.98
N ASP A 138 -20.14 -15.58 -28.10
CA ASP A 138 -19.79 -14.79 -29.27
C ASP A 138 -18.29 -14.49 -29.39
N GLY A 139 -17.46 -15.02 -28.49
CA GLY A 139 -16.02 -14.80 -28.54
C GLY A 139 -15.51 -13.61 -27.77
N ARG A 140 -16.37 -12.87 -27.08
CA ARG A 140 -15.89 -11.76 -26.27
C ARG A 140 -14.93 -12.28 -25.20
N TYR A 141 -13.91 -11.47 -24.89
CA TYR A 141 -12.92 -11.87 -23.89
C TYR A 141 -13.43 -11.56 -22.49
N LEU A 142 -13.71 -12.61 -21.68
CA LEU A 142 -14.31 -12.39 -20.37
C LEU A 142 -13.78 -13.31 -19.24
N PRO A 143 -12.47 -13.52 -19.14
CA PRO A 143 -11.97 -14.53 -18.18
C PRO A 143 -12.13 -14.10 -16.72
N TRP A 144 -12.63 -15.03 -15.91
CA TRP A 144 -12.57 -14.93 -14.44
C TRP A 144 -11.69 -16.07 -13.94
N TRP A 145 -10.53 -15.73 -13.39
CA TRP A 145 -9.58 -16.72 -12.88
C TRP A 145 -9.71 -16.79 -11.36
N TYR A 146 -9.86 -18.01 -10.81
CA TYR A 146 -9.88 -18.20 -9.37
C TYR A 146 -9.35 -19.61 -9.05
N ARG A 147 -9.30 -19.95 -7.77
CA ARG A 147 -8.65 -21.20 -7.36
C ARG A 147 -9.73 -22.25 -7.20
N GLY A 148 -9.53 -23.41 -7.81
CA GLY A 148 -10.38 -24.55 -7.59
C GLY A 148 -10.13 -25.13 -6.22
N ALA A 149 -10.84 -26.25 -5.97
CA ALA A 149 -10.76 -26.95 -4.69
C ALA A 149 -9.33 -27.27 -4.27
N ASP A 150 -8.51 -27.73 -5.22
CA ASP A 150 -7.09 -28.01 -4.98
C ASP A 150 -6.20 -26.78 -5.04
N GLY A 151 -6.77 -25.57 -5.08
CA GLY A 151 -5.97 -24.38 -5.14
C GLY A 151 -5.40 -24.02 -6.49
N LYS A 152 -5.51 -24.87 -7.50
CA LYS A 152 -4.90 -24.55 -8.78
CA LYS A 152 -4.92 -24.58 -8.80
C LYS A 152 -5.85 -23.65 -9.58
N PRO A 153 -5.32 -22.64 -10.28
CA PRO A 153 -6.21 -21.64 -10.89
C PRO A 153 -7.05 -22.26 -12.00
N ILE A 154 -8.31 -21.85 -12.05
CA ILE A 154 -9.24 -22.28 -13.10
C ILE A 154 -9.94 -21.05 -13.64
N VAL A 155 -10.54 -21.19 -14.81
CA VAL A 155 -11.10 -20.01 -15.44
C VAL A 155 -12.55 -20.31 -15.81
N GLU A 156 -13.37 -19.28 -15.64
CA GLU A 156 -14.77 -19.27 -16.05
CA GLU A 156 -14.78 -19.25 -16.00
C GLU A 156 -14.97 -18.03 -16.91
N ALA A 157 -15.82 -18.15 -17.93
CA ALA A 157 -16.28 -16.96 -18.66
C ALA A 157 -17.34 -16.19 -17.86
N MET A 158 -17.24 -14.85 -17.84
CA MET A 158 -18.23 -14.00 -17.16
C MET A 158 -19.42 -13.67 -18.06
N ALA A 159 -19.77 -14.54 -19.02
CA ALA A 159 -20.87 -14.22 -19.94
C ALA A 159 -22.17 -13.97 -19.22
N ASP A 160 -22.38 -14.65 -18.10
CA ASP A 160 -23.63 -14.55 -17.37
CA ASP A 160 -23.65 -14.53 -17.41
C ASP A 160 -23.79 -13.18 -16.72
N SER A 161 -22.74 -12.64 -16.14
CA SER A 161 -22.88 -11.43 -15.36
C SER A 161 -22.54 -10.14 -16.09
N ILE A 162 -21.68 -10.20 -17.12
CA ILE A 162 -21.12 -8.96 -17.67
C ILE A 162 -22.20 -8.07 -18.25
N ASP A 163 -23.27 -8.65 -18.77
CA ASP A 163 -24.37 -7.87 -19.31
C ASP A 163 -25.55 -7.75 -18.36
N SER A 164 -25.48 -8.37 -17.19
CA SER A 164 -26.63 -8.38 -16.29
C SER A 164 -26.65 -7.07 -15.49
N GLU A 165 -27.74 -6.34 -15.61
CA GLU A 165 -27.99 -5.13 -14.84
C GLU A 165 -28.92 -5.39 -13.67
N LYS A 166 -29.22 -6.66 -13.43
CA LYS A 166 -30.11 -7.02 -12.33
C LYS A 166 -29.46 -6.70 -11.01
N LEU A 167 -30.30 -6.40 -10.02
CA LEU A 167 -29.79 -6.05 -8.70
C LEU A 167 -29.62 -7.31 -7.87
N LEU A 168 -28.44 -7.49 -7.28
CA LEU A 168 -28.21 -8.58 -6.36
C LEU A 168 -28.82 -8.25 -5.00
N PRO A 169 -28.93 -9.26 -4.11
CA PRO A 169 -29.64 -9.03 -2.83
C PRO A 169 -29.02 -7.94 -1.96
N THR A 170 -27.81 -7.48 -2.24
CA THR A 170 -27.19 -6.45 -1.41
C THR A 170 -27.37 -5.08 -1.99
N GLY A 171 -28.17 -4.95 -3.04
CA GLY A 171 -28.38 -3.67 -3.66
C GLY A 171 -27.35 -3.29 -4.67
N VAL A 172 -26.57 -4.26 -5.17
CA VAL A 172 -25.50 -3.99 -6.13
C VAL A 172 -25.90 -4.58 -7.47
N ARG A 173 -25.73 -3.79 -8.53
CA ARG A 173 -25.96 -4.25 -9.88
C ARG A 173 -24.99 -5.36 -10.23
N GLU A 174 -25.50 -6.43 -10.85
CA GLU A 174 -24.67 -7.61 -11.06
C GLU A 174 -23.40 -7.29 -11.84
N ASN A 175 -23.50 -6.38 -12.82
CA ASN A 175 -22.36 -6.06 -13.66
C ASN A 175 -21.69 -4.76 -13.25
N GLU A 176 -21.95 -4.30 -12.01
CA GLU A 176 -21.41 -3.01 -11.59
C GLU A 176 -19.88 -2.94 -11.71
N PHE A 177 -19.18 -4.05 -11.47
CA PHE A 177 -17.72 -4.08 -11.54
C PHE A 177 -17.19 -3.62 -12.89
N TYR A 178 -18.01 -3.74 -13.94
CA TYR A 178 -17.68 -3.40 -15.31
C TYR A 178 -18.40 -2.15 -15.78
N ALA A 179 -19.67 -2.06 -15.47
CA ALA A 179 -20.44 -0.88 -15.83
C ALA A 179 -19.88 0.36 -15.14
N CYS A 180 -19.45 0.26 -13.90
CA CYS A 180 -18.95 1.48 -13.25
C CYS A 180 -17.69 2.03 -13.93
N PRO A 181 -16.63 1.24 -14.13
CA PRO A 181 -15.48 1.77 -14.87
C PRO A 181 -15.81 2.24 -16.27
N LYS A 182 -16.80 1.60 -16.91
CA LYS A 182 -17.17 2.00 -18.27
C LYS A 182 -17.81 3.37 -18.29
N GLU A 183 -18.67 3.67 -17.35
CA GLU A 183 -19.36 4.95 -17.32
C GLU A 183 -18.47 6.06 -16.81
N ASN A 184 -17.57 5.77 -15.87
CA ASN A 184 -16.79 6.80 -15.21
C ASN A 184 -15.35 6.88 -15.74
N LYS A 185 -14.89 5.88 -16.49
CA LYS A 185 -13.51 5.86 -16.98
CA LYS A 185 -13.51 5.86 -16.98
C LYS A 185 -12.53 6.17 -15.86
N ARG A 186 -12.81 5.65 -14.67
CA ARG A 186 -11.96 5.75 -13.52
CA ARG A 186 -11.98 5.77 -13.50
C ARG A 186 -12.10 4.47 -12.72
N PRO A 187 -11.27 4.26 -11.72
CA PRO A 187 -11.36 3.03 -10.94
C PRO A 187 -12.59 3.02 -10.04
N CYS A 188 -13.03 1.81 -9.67
CA CYS A 188 -14.27 1.61 -8.92
C CYS A 188 -14.05 0.49 -7.92
N ILE A 189 -14.44 0.73 -6.68
CA ILE A 189 -14.48 -0.29 -5.64
C ILE A 189 -15.96 -0.52 -5.35
N ILE A 190 -16.40 -1.76 -5.49
CA ILE A 190 -17.81 -2.10 -5.44
C ILE A 190 -18.20 -2.60 -4.05
N ASP A 191 -19.33 -2.10 -3.55
CA ASP A 191 -19.88 -2.55 -2.29
C ASP A 191 -20.14 -4.05 -2.32
N PRO A 192 -20.25 -4.65 -1.13
CA PRO A 192 -20.34 -6.11 -1.02
C PRO A 192 -21.51 -6.66 -1.82
N ALA A 193 -21.25 -7.79 -2.49
CA ALA A 193 -22.23 -8.45 -3.35
C ALA A 193 -21.92 -9.93 -3.36
N PRO A 194 -22.94 -10.79 -3.43
CA PRO A 194 -22.70 -12.24 -3.51
C PRO A 194 -22.56 -12.74 -4.94
N TYR A 195 -21.59 -13.64 -5.14
CA TYR A 195 -21.39 -14.28 -6.42
C TYR A 195 -21.06 -15.75 -6.19
N GLU A 196 -21.46 -16.61 -7.12
CA GLU A 196 -21.25 -18.04 -6.96
C GLU A 196 -19.88 -18.40 -7.49
N MET A 197 -19.10 -19.11 -6.69
CA MET A 197 -17.72 -19.44 -7.01
C MET A 197 -17.51 -20.89 -6.68
N GLY A 198 -17.23 -21.69 -7.69
CA GLY A 198 -17.14 -23.13 -7.49
C GLY A 198 -18.29 -23.72 -6.72
N GLY A 199 -19.50 -23.23 -6.95
CA GLY A 199 -20.69 -23.88 -6.43
C GLY A 199 -21.14 -23.34 -5.10
N LYS A 200 -20.42 -22.40 -4.53
CA LYS A 200 -20.78 -21.78 -3.27
CA LYS A 200 -20.82 -21.78 -3.27
C LYS A 200 -20.98 -20.28 -3.48
N THR A 201 -21.82 -19.68 -2.65
CA THR A 201 -22.05 -18.23 -2.63
C THR A 201 -21.05 -17.56 -1.70
N VAL A 202 -20.34 -16.60 -2.27
CA VAL A 202 -19.28 -15.88 -1.57
C VAL A 202 -19.60 -14.40 -1.66
N MET A 203 -19.71 -13.75 -0.51
CA MET A 203 -19.82 -12.31 -0.44
C MET A 203 -18.44 -11.71 -0.69
N MET A 204 -18.35 -10.73 -1.60
CA MET A 204 -17.06 -10.15 -1.92
C MET A 204 -17.22 -8.72 -2.38
N SER A 205 -16.10 -7.97 -2.36
CA SER A 205 -15.99 -6.63 -2.91
C SER A 205 -14.92 -6.66 -4.01
N SER A 206 -15.17 -5.90 -5.08
CA SER A 206 -14.31 -5.89 -6.25
C SER A 206 -13.57 -4.59 -6.35
N PHE A 207 -12.35 -4.69 -6.86
CA PHE A 207 -11.42 -3.58 -7.05
C PHE A 207 -11.08 -3.53 -8.53
N ASN A 208 -11.53 -2.49 -9.20
CA ASN A 208 -11.59 -2.48 -10.66
C ASN A 208 -10.97 -1.24 -11.26
N VAL A 209 -10.28 -1.41 -12.38
CA VAL A 209 -9.74 -0.27 -13.11
CA VAL A 209 -9.69 -0.29 -13.11
C VAL A 209 -10.02 -0.42 -14.60
N PRO A 210 -10.36 0.67 -15.31
CA PRO A 210 -10.62 0.55 -16.75
C PRO A 210 -9.33 0.35 -17.52
N ILE A 211 -9.45 -0.29 -18.67
CA ILE A 211 -8.35 -0.43 -19.61
C ILE A 211 -8.55 0.66 -20.65
N MET A 212 -7.80 1.76 -20.53
CA MET A 212 -8.01 2.93 -21.38
C MET A 212 -6.94 3.01 -22.48
N VAL A 213 -7.40 3.21 -23.71
CA VAL A 213 -6.49 3.49 -24.81
C VAL A 213 -6.84 4.89 -25.29
N GLY A 214 -5.96 5.84 -24.97
CA GLY A 214 -6.30 7.25 -25.09
C GLY A 214 -7.52 7.50 -24.26
N ASP A 215 -8.55 8.09 -24.86
CA ASP A 215 -9.80 8.31 -24.14
C ASP A 215 -10.84 7.20 -24.37
N GLN A 216 -10.47 6.09 -24.98
CA GLN A 216 -11.42 5.03 -25.32
C GLN A 216 -11.39 3.96 -24.22
N PHE A 217 -12.56 3.68 -23.63
CA PHE A 217 -12.75 2.53 -22.72
C PHE A 217 -12.72 1.24 -23.53
N ARG A 218 -11.74 0.37 -23.28
CA ARG A 218 -11.62 -0.88 -24.04
C ARG A 218 -11.99 -2.12 -23.23
N GLY A 219 -12.27 -1.98 -21.96
CA GLY A 219 -12.47 -3.11 -21.08
C GLY A 219 -12.11 -2.69 -19.67
N ALA A 220 -12.13 -3.66 -18.75
CA ALA A 220 -11.81 -3.41 -17.35
C ALA A 220 -11.19 -4.68 -16.77
N VAL A 221 -10.34 -4.51 -15.77
CA VAL A 221 -9.72 -5.62 -15.05
C VAL A 221 -9.90 -5.36 -13.57
N GLY A 222 -10.12 -6.45 -12.81
CA GLY A 222 -10.47 -6.30 -11.41
C GLY A 222 -10.03 -7.50 -10.64
N ALA A 223 -10.11 -7.36 -9.32
CA ALA A 223 -9.85 -8.44 -8.39
C ALA A 223 -10.85 -8.31 -7.25
N ASP A 224 -11.27 -9.44 -6.71
CA ASP A 224 -12.12 -9.45 -5.52
C ASP A 224 -11.35 -9.75 -4.24
N LEU A 225 -11.77 -9.14 -3.14
CA LEU A 225 -11.46 -9.58 -1.79
C LEU A 225 -12.74 -10.17 -1.19
N SER A 226 -12.64 -11.32 -0.55
CA SER A 226 -13.79 -11.83 0.18
C SER A 226 -14.05 -11.01 1.44
N LEU A 227 -15.32 -10.95 1.84
CA LEU A 227 -15.66 -10.37 3.13
C LEU A 227 -15.02 -11.15 4.28
N ALA A 228 -14.89 -12.46 4.16
CA ALA A 228 -14.21 -13.23 5.19
C ALA A 228 -12.80 -12.69 5.41
N PHE A 229 -12.09 -12.42 4.32
CA PHE A 229 -10.75 -11.85 4.43
C PHE A 229 -10.81 -10.49 5.13
N ILE A 230 -11.72 -9.62 4.70
CA ILE A 230 -11.76 -8.28 5.29
C ILE A 230 -12.22 -8.33 6.75
N GLN A 231 -13.17 -9.22 7.08
CA GLN A 231 -13.54 -9.40 8.48
C GLN A 231 -12.33 -9.77 9.32
N ASP A 232 -11.52 -10.70 8.83
CA ASP A 232 -10.31 -11.06 9.57
C ASP A 232 -9.44 -9.81 9.77
N LEU A 233 -9.32 -8.97 8.74
CA LEU A 233 -8.53 -7.74 8.88
C LEU A 233 -9.08 -6.86 9.98
N LEU A 234 -10.40 -6.68 10.00
CA LEU A 234 -10.99 -5.77 10.98
C LEU A 234 -10.87 -6.33 12.39
N LYS A 235 -10.98 -7.66 12.56
CA LYS A 235 -10.78 -8.23 13.88
C LYS A 235 -9.35 -7.95 14.34
N ARG A 236 -8.36 -8.04 13.45
CA ARG A 236 -6.98 -7.72 13.83
CA ARG A 236 -7.00 -7.73 13.85
C ARG A 236 -6.86 -6.26 14.26
N ALA A 237 -7.48 -5.35 13.48
CA ALA A 237 -7.47 -3.91 13.75
C ALA A 237 -8.06 -3.58 15.12
N ASP A 238 -9.17 -4.24 15.45
CA ASP A 238 -9.88 -4.00 16.70
C ASP A 238 -9.04 -4.46 17.89
N GLN A 239 -8.25 -5.51 17.69
CA GLN A 239 -7.37 -5.98 18.75
C GLN A 239 -6.28 -4.99 19.07
N GLN A 240 -5.94 -4.10 18.14
CA GLN A 240 -4.91 -3.11 18.40
C GLN A 240 -5.43 -1.92 19.16
N LEU A 241 -6.75 -1.80 19.32
CA LEU A 241 -7.36 -0.69 20.05
C LEU A 241 -7.71 -1.20 21.45
N TYR A 242 -6.95 -0.75 22.44
CA TYR A 242 -7.18 -1.05 23.84
C TYR A 242 -7.47 -2.55 24.05
N ASP A 243 -6.63 -3.38 23.45
CA ASP A 243 -6.71 -4.84 23.59
C ASP A 243 -8.09 -5.37 23.22
N GLY A 244 -8.72 -4.78 22.22
CA GLY A 244 -9.98 -5.31 21.76
C GLY A 244 -11.12 -5.07 22.72
N ALA A 245 -11.00 -4.06 23.59
CA ALA A 245 -12.08 -3.72 24.49
C ALA A 245 -13.34 -3.35 23.73
N GLY A 246 -13.19 -2.77 22.55
CA GLY A 246 -14.32 -2.36 21.75
C GLY A 246 -14.59 -3.31 20.59
N GLU A 247 -15.38 -2.80 19.65
CA GLU A 247 -15.83 -3.51 18.46
C GLU A 247 -15.82 -2.55 17.28
N MET A 248 -15.64 -3.09 16.10
CA MET A 248 -15.58 -2.21 14.95
C MET A 248 -16.55 -2.67 13.88
N ALA A 249 -16.89 -1.73 13.01
CA ALA A 249 -17.70 -2.03 11.83
C ALA A 249 -17.09 -1.27 10.66
N LEU A 250 -17.13 -1.89 9.50
CA LEU A 250 -16.67 -1.29 8.25
C LEU A 250 -17.90 -1.23 7.37
N ILE A 251 -18.29 -0.01 7.00
CA ILE A 251 -19.55 0.29 6.34
C ILE A 251 -19.23 0.82 4.94
N ALA A 252 -19.76 0.14 3.91
CA ALA A 252 -19.54 0.52 2.51
C ALA A 252 -20.35 1.77 2.16
N SER A 253 -20.26 2.22 0.90
CA SER A 253 -20.89 3.47 0.51
C SER A 253 -22.40 3.38 0.48
N ASN A 254 -22.96 2.17 0.40
CA ASN A 254 -24.40 2.00 0.44
C ASN A 254 -24.89 1.64 1.84
N GLY A 255 -24.04 1.73 2.85
CA GLY A 255 -24.48 1.49 4.21
C GLY A 255 -24.44 0.04 4.64
N ARG A 256 -23.96 -0.85 3.81
CA ARG A 256 -23.95 -2.27 4.12
CA ARG A 256 -23.96 -2.26 4.13
C ARG A 256 -22.62 -2.66 4.71
N LEU A 257 -22.64 -3.72 5.51
CA LEU A 257 -21.49 -4.05 6.34
C LEU A 257 -20.50 -4.84 5.53
N VAL A 258 -19.30 -4.29 5.41
CA VAL A 258 -18.18 -5.05 4.87
C VAL A 258 -17.60 -5.96 5.94
N ALA A 259 -17.59 -5.50 7.18
CA ALA A 259 -17.00 -6.22 8.29
C ALA A 259 -17.66 -5.74 9.56
N TYR A 260 -17.69 -6.60 10.56
CA TYR A 260 -18.46 -6.35 11.78
C TYR A 260 -17.91 -7.34 12.81
N THR A 261 -16.96 -6.87 13.64
CA THR A 261 -16.21 -7.77 14.51
C THR A 261 -17.09 -8.49 15.51
N ARG A 262 -18.28 -7.96 15.77
CA ARG A 262 -19.15 -8.55 16.77
C ARG A 262 -19.80 -9.83 16.28
N ASP A 263 -20.08 -9.95 14.99
CA ASP A 263 -20.90 -11.05 14.50
C ASP A 263 -20.65 -11.25 13.02
N ASP A 264 -20.06 -12.40 12.66
CA ASP A 264 -19.81 -12.73 11.27
C ASP A 264 -21.10 -12.84 10.46
N SER A 265 -22.22 -13.10 11.12
CA SER A 265 -23.46 -13.36 10.39
C SER A 265 -24.05 -12.09 9.81
N LYS A 266 -23.55 -10.92 10.17
CA LYS A 266 -24.14 -9.68 9.71
C LYS A 266 -23.46 -9.13 8.47
N LEU A 267 -22.48 -9.83 7.91
CA LEU A 267 -21.74 -9.28 6.76
C LEU A 267 -22.65 -9.18 5.55
N GLY A 268 -22.65 -8.01 4.92
CA GLY A 268 -23.53 -7.74 3.82
C GLY A 268 -24.86 -7.12 4.21
N GLU A 269 -25.20 -7.12 5.50
CA GLU A 269 -26.45 -6.55 5.95
C GLU A 269 -26.39 -5.02 5.93
N PRO A 270 -27.55 -4.36 5.80
CA PRO A 270 -27.61 -2.91 6.04
C PRO A 270 -27.15 -2.58 7.46
N ALA A 271 -26.29 -1.57 7.59
CA ALA A 271 -25.85 -1.17 8.92
C ALA A 271 -27.04 -0.78 9.78
N GLY A 272 -28.07 -0.17 9.18
CA GLY A 272 -29.26 0.22 9.92
C GLY A 272 -29.99 -0.94 10.58
N SER A 273 -29.72 -2.16 10.12
CA SER A 273 -30.33 -3.36 10.67
C SER A 273 -29.50 -4.01 11.77
N VAL A 274 -28.33 -3.48 12.07
CA VAL A 274 -27.51 -3.95 13.17
C VAL A 274 -27.32 -2.85 14.20
N LEU A 275 -27.09 -1.63 13.74
CA LEU A 275 -26.71 -0.53 14.61
C LEU A 275 -27.92 0.02 15.33
N ASP A 276 -27.70 0.50 16.55
CA ASP A 276 -28.72 1.18 17.31
C ASP A 276 -28.94 2.59 16.77
N GLY A 277 -30.15 3.08 16.95
CA GLY A 277 -30.55 4.34 16.34
C GLY A 277 -29.54 5.46 16.46
N ASN A 278 -28.85 5.55 17.60
CA ASN A 278 -27.84 6.58 17.78
C ASN A 278 -26.78 6.51 16.68
N GLU A 279 -26.40 5.29 16.32
CA GLU A 279 -25.31 5.08 15.38
C GLU A 279 -25.75 5.31 13.93
N VAL A 280 -26.85 4.69 13.51
CA VAL A 280 -27.28 4.86 12.13
C VAL A 280 -27.58 6.33 11.84
N ASP A 281 -27.90 7.12 12.87
CA ASP A 281 -28.08 8.56 12.67
C ASP A 281 -26.76 9.24 12.34
N ASN A 282 -25.73 9.00 13.15
CA ASN A 282 -24.44 9.64 12.94
C ASN A 282 -23.79 9.24 11.61
N LEU A 283 -24.19 8.10 11.03
CA LEU A 283 -23.60 7.69 9.75
C LEU A 283 -23.92 8.71 8.68
N LYS A 284 -25.06 9.41 8.82
CA LYS A 284 -25.44 10.47 7.89
CA LYS A 284 -25.43 10.47 7.89
C LYS A 284 -24.82 11.86 8.22
N ASN A 285 -24.08 11.97 9.32
CA ASN A 285 -23.47 13.20 9.78
C ASN A 285 -21.96 13.28 9.47
N LEU A 286 -21.54 12.79 8.30
CA LEU A 286 -20.14 12.47 8.09
C LEU A 286 -19.60 13.09 6.82
N THR A 287 -18.38 13.63 6.94
CA THR A 287 -17.63 14.20 5.83
C THR A 287 -16.32 13.44 5.73
N VAL A 288 -15.86 13.20 4.52
CA VAL A 288 -14.67 12.39 4.36
C VAL A 288 -13.49 12.96 5.14
N ASP A 289 -12.77 12.07 5.81
CA ASP A 289 -11.53 12.31 6.53
C ASP A 289 -11.74 13.08 7.82
N GLN A 290 -12.95 13.55 8.13
CA GLN A 290 -13.19 14.25 9.39
C GLN A 290 -13.90 13.31 10.35
N PRO A 291 -13.26 12.86 11.44
CA PRO A 291 -13.94 11.94 12.34
C PRO A 291 -15.13 12.60 13.02
N LEU A 292 -16.05 11.74 13.48
CA LEU A 292 -17.19 12.15 14.29
C LEU A 292 -17.09 11.36 15.58
N TYR A 293 -17.17 12.04 16.70
CA TYR A 293 -16.99 11.44 18.02
C TYR A 293 -18.25 11.67 18.82
N ASP A 294 -18.85 10.59 19.34
CA ASP A 294 -20.09 10.69 20.10
C ASP A 294 -20.06 9.80 21.34
N ILE A 295 -20.89 10.15 22.33
CA ILE A 295 -21.04 9.41 23.57
C ILE A 295 -22.49 8.96 23.71
N ASP A 296 -22.72 7.66 23.69
CA ASP A 296 -24.05 7.12 23.98
C ASP A 296 -24.29 7.17 25.48
N ALA A 297 -25.21 8.03 25.92
CA ALA A 297 -25.46 8.19 27.36
C ALA A 297 -26.07 6.93 27.97
N GLU A 298 -27.03 6.31 27.28
CA GLU A 298 -27.75 5.16 27.84
C GLU A 298 -26.85 3.95 28.04
N HIS A 299 -25.82 3.80 27.21
CA HIS A 299 -24.94 2.63 27.28
C HIS A 299 -23.52 2.94 27.74
N GLY A 300 -23.14 4.21 27.89
CA GLY A 300 -21.82 4.57 28.37
C GLY A 300 -20.64 4.12 27.52
N HIS A 301 -20.74 4.25 26.20
CA HIS A 301 -19.62 3.91 25.32
C HIS A 301 -19.37 5.05 24.37
N ILE A 302 -18.19 5.02 23.83
CA ILE A 302 -17.76 5.97 22.83
C ILE A 302 -18.05 5.36 21.46
N GLU A 303 -18.57 6.18 20.58
CA GLU A 303 -18.70 5.83 19.17
CA GLU A 303 -18.70 5.85 19.17
C GLU A 303 -17.79 6.78 18.38
N LEU A 304 -16.90 6.20 17.59
CA LEU A 304 -16.03 6.98 16.72
C LEU A 304 -16.22 6.55 15.27
N PHE A 305 -16.52 7.51 14.41
CA PHE A 305 -16.79 7.26 12.99
C PHE A 305 -15.68 7.94 12.18
N LEU A 306 -14.96 7.17 11.37
CA LEU A 306 -13.83 7.65 10.60
C LEU A 306 -14.13 7.38 9.13
N PRO A 307 -14.70 8.33 8.44
CA PRO A 307 -14.93 8.16 7.00
C PRO A 307 -13.60 8.23 6.27
N PHE A 308 -13.43 7.39 5.25
CA PHE A 308 -12.18 7.44 4.50
C PHE A 308 -12.40 7.01 3.06
N THR A 309 -11.37 7.21 2.22
CA THR A 309 -11.41 6.75 0.84
C THR A 309 -10.17 5.90 0.55
N ILE A 310 -10.13 5.39 -0.68
CA ILE A 310 -9.20 4.36 -1.09
C ILE A 310 -8.62 4.78 -2.42
N ALA A 311 -7.33 5.15 -2.40
CA ALA A 311 -6.60 5.55 -3.59
C ALA A 311 -7.42 6.49 -4.47
N ASP A 312 -7.43 6.21 -5.79
CA ASP A 312 -8.14 6.99 -6.79
C ASP A 312 -9.53 6.45 -7.10
N SER A 313 -10.12 5.69 -6.19
CA SER A 313 -11.42 5.07 -6.47
C SER A 313 -12.57 6.01 -6.18
N GLY A 314 -12.34 7.05 -5.39
CA GLY A 314 -13.41 7.96 -5.08
C GLY A 314 -14.44 7.41 -4.13
N VAL A 315 -14.26 6.20 -3.60
CA VAL A 315 -15.26 5.60 -2.74
C VAL A 315 -15.17 6.21 -1.33
N ARG A 316 -16.27 6.13 -0.60
CA ARG A 316 -16.31 6.60 0.77
CA ARG A 316 -16.31 6.60 0.77
C ARG A 316 -16.86 5.46 1.62
N TRP A 317 -15.97 4.78 2.31
CA TRP A 317 -16.33 3.79 3.32
C TRP A 317 -16.15 4.43 4.69
N THR A 318 -16.68 3.76 5.73
CA THR A 318 -16.57 4.28 7.08
C THR A 318 -16.17 3.20 8.09
N LEU A 319 -15.09 3.46 8.81
CA LEU A 319 -14.72 2.65 9.97
C LEU A 319 -15.41 3.21 11.20
N MET A 320 -16.17 2.37 11.89
CA MET A 320 -16.80 2.76 13.14
C MET A 320 -16.17 1.98 14.29
N LEU A 321 -15.93 2.69 15.39
CA LEU A 321 -15.41 2.10 16.61
C LEU A 321 -16.43 2.36 17.69
N GLN A 322 -16.78 1.32 18.41
CA GLN A 322 -17.63 1.37 19.58
C GLN A 322 -16.82 0.82 20.74
N ILE A 323 -16.64 1.63 21.78
CA ILE A 323 -15.76 1.23 22.87
C ILE A 323 -16.20 1.80 24.21
N PRO A 324 -16.14 1.03 25.29
CA PRO A 324 -16.62 1.56 26.58
C PRO A 324 -15.77 2.73 27.05
N GLN A 325 -16.45 3.75 27.59
CA GLN A 325 -15.74 4.92 28.13
C GLN A 325 -14.65 4.49 29.09
N ALA A 326 -14.95 3.50 29.94
CA ALA A 326 -14.02 3.09 30.98
C ALA A 326 -12.71 2.60 30.39
N ALA A 327 -12.76 1.94 29.23
CA ALA A 327 -11.54 1.44 28.61
C ALA A 327 -10.65 2.56 28.13
N VAL A 328 -11.18 3.78 27.98
CA VAL A 328 -10.42 4.89 27.38
C VAL A 328 -10.04 5.92 28.41
N PHE A 329 -10.91 6.16 29.40
CA PHE A 329 -10.82 7.30 30.30
C PHE A 329 -10.35 6.92 31.70
N GLY A 330 -9.81 5.72 31.85
CA GLY A 330 -9.42 5.26 33.17
C GLY A 330 -8.49 6.23 33.88
N GLU A 331 -7.61 6.90 33.14
CA GLU A 331 -6.63 7.80 33.76
C GLU A 331 -7.31 9.05 34.30
N LEU A 332 -8.27 9.59 33.56
CA LEU A 332 -9.14 10.64 34.09
C LEU A 332 -9.81 10.19 35.37
N GLN A 333 -10.45 9.02 35.34
CA GLN A 333 -11.04 8.43 36.53
C GLN A 333 -10.06 8.36 37.68
N GLN A 334 -8.87 7.85 37.43
CA GLN A 334 -7.85 7.80 38.48
C GLN A 334 -7.54 9.20 39.02
N LEU A 335 -7.41 10.18 38.14
CA LEU A 335 -7.07 11.52 38.60
C LEU A 335 -8.20 12.09 39.45
N GLN A 336 -9.46 11.90 39.01
CA GLN A 336 -10.59 12.38 39.79
CA GLN A 336 -10.58 12.38 39.79
C GLN A 336 -10.71 11.63 41.11
N GLY A 337 -10.19 10.39 41.16
CA GLY A 337 -10.13 9.65 42.41
C GLY A 337 -9.29 10.34 43.46
N GLU A 338 -8.31 11.13 43.04
CA GLU A 338 -7.45 11.87 43.97
C GLU A 338 -8.05 13.23 44.36
N GLU B 27 2.53 15.59 49.30
CA GLU B 27 3.53 15.82 48.26
C GLU B 27 3.80 14.51 47.54
N LEU B 28 3.47 13.38 48.17
CA LEU B 28 3.39 12.19 47.34
C LEU B 28 2.30 12.35 46.29
N VAL B 29 1.14 12.79 46.72
CA VAL B 29 0.03 12.97 45.79
C VAL B 29 0.49 13.78 44.59
N GLN B 30 1.28 14.81 44.82
CA GLN B 30 1.77 15.61 43.71
C GLN B 30 2.68 14.79 42.83
N GLN B 31 3.51 13.93 43.43
CA GLN B 31 4.35 13.06 42.62
C GLN B 31 3.50 12.11 41.79
N ARG B 32 2.48 11.51 42.42
CA ARG B 32 1.58 10.60 41.70
C ARG B 32 0.82 11.32 40.60
N THR B 33 0.36 12.54 40.89
CA THR B 33 -0.44 13.27 39.92
C THR B 33 0.40 13.70 38.72
N GLN B 34 1.60 14.24 38.96
N GLN B 34 1.60 14.23 38.96
CA GLN B 34 2.46 14.63 37.85
CA GLN B 34 2.46 14.63 37.85
C GLN B 34 2.80 13.43 36.98
C GLN B 34 2.81 13.43 36.97
N GLY B 35 3.21 12.32 37.60
CA GLY B 35 3.54 11.14 36.80
C GLY B 35 2.39 10.69 35.93
N LEU B 36 1.17 10.79 36.45
CA LEU B 36 -0.01 10.39 35.68
C LEU B 36 -0.31 11.37 34.56
N LEU B 37 -0.19 12.67 34.84
CA LEU B 37 -0.37 13.64 33.78
C LEU B 37 0.68 13.44 32.69
N GLU B 38 1.94 13.19 33.07
CA GLU B 38 2.94 12.95 32.04
C GLU B 38 2.60 11.71 31.23
N LYS B 39 2.03 10.69 31.89
CA LYS B 39 1.73 9.45 31.16
C LYS B 39 0.76 9.71 30.01
N VAL B 40 -0.33 10.43 30.28
CA VAL B 40 -1.36 10.69 29.28
C VAL B 40 -0.76 11.40 28.07
N ILE B 41 0.09 12.42 28.31
CA ILE B 41 0.83 13.07 27.24
C ILE B 41 1.72 12.08 26.50
N ASN B 42 2.47 11.25 27.23
CA ASN B 42 3.41 10.31 26.59
C ASN B 42 2.66 9.30 25.75
N GLU B 43 1.50 8.87 26.23
CA GLU B 43 0.74 7.88 25.47
C GLU B 43 0.17 8.49 24.20
N ARG B 44 -0.23 9.76 24.24
CA ARG B 44 -0.77 10.41 23.04
C ARG B 44 0.30 10.50 21.95
N LEU B 45 1.50 10.92 22.31
CA LEU B 45 2.56 11.00 21.31
C LEU B 45 2.87 9.63 20.74
N VAL B 46 2.86 8.59 21.57
CA VAL B 46 3.05 7.24 21.05
C VAL B 46 1.95 6.91 20.03
N ALA B 47 0.70 7.29 20.31
CA ALA B 47 -0.36 7.03 19.35
C ALA B 47 -0.14 7.79 18.05
N LEU B 48 0.34 9.03 18.14
CA LEU B 48 0.59 9.79 16.91
C LEU B 48 1.68 9.13 16.11
N ALA B 49 2.71 8.61 16.78
CA ALA B 49 3.79 7.92 16.08
C ALA B 49 3.30 6.67 15.38
N ARG B 50 2.41 5.90 16.03
CA ARG B 50 1.83 4.74 15.39
C ARG B 50 1.02 5.14 14.15
N ALA B 51 0.25 6.23 14.21
CA ALA B 51 -0.50 6.69 13.04
C ALA B 51 0.46 7.12 11.94
N GLN B 52 1.55 7.78 12.30
CA GLN B 52 2.48 8.20 11.28
C GLN B 52 3.18 7.00 10.66
N VAL B 53 3.53 6.00 11.48
CA VAL B 53 4.15 4.80 10.91
C VAL B 53 3.19 4.08 9.99
N SER B 54 1.90 4.05 10.34
N SER B 54 1.91 4.06 10.33
CA SER B 54 0.92 3.35 9.51
CA SER B 54 0.95 3.35 9.51
C SER B 54 0.78 4.03 8.15
C SER B 54 0.77 4.02 8.15
N GLN B 55 0.78 5.36 8.12
CA GLN B 55 0.75 6.06 6.86
C GLN B 55 2.04 5.85 6.06
N ILE B 56 3.19 5.82 6.73
CA ILE B 56 4.44 5.54 6.01
C ILE B 56 4.41 4.16 5.39
N GLN B 57 3.90 3.17 6.13
CA GLN B 57 3.85 1.81 5.61
C GLN B 57 2.93 1.75 4.39
N ARG B 58 1.83 2.48 4.41
CA ARG B 58 0.94 2.53 3.26
C ARG B 58 1.66 3.08 2.04
N GLU B 59 2.42 4.18 2.23
CA GLU B 59 3.11 4.78 1.11
C GLU B 59 4.20 3.87 0.60
N LEU B 60 4.92 3.19 1.50
CA LEU B 60 6.07 2.42 1.07
C LEU B 60 5.75 1.01 0.64
N GLU B 61 4.55 0.51 0.91
CA GLU B 61 4.20 -0.80 0.35
C GLU B 61 3.93 -0.70 -1.15
N TYR B 62 3.42 0.45 -1.57
CA TYR B 62 2.92 0.65 -2.93
C TYR B 62 3.97 0.35 -4.00
N PRO B 63 5.21 0.81 -3.89
CA PRO B 63 6.17 0.49 -4.95
C PRO B 63 6.43 -0.99 -5.05
N LEU B 64 6.40 -1.71 -3.92
CA LEU B 64 6.64 -3.16 -3.96
C LEU B 64 5.54 -3.91 -4.71
N THR B 65 4.27 -3.51 -4.50
CA THR B 65 3.18 -4.15 -5.23
C THR B 65 3.33 -3.91 -6.74
N VAL B 66 3.69 -2.69 -7.14
CA VAL B 66 3.90 -2.39 -8.56
C VAL B 66 4.93 -3.34 -9.14
N VAL B 67 6.09 -3.44 -8.49
CA VAL B 67 7.15 -4.22 -9.14
C VAL B 67 6.91 -5.73 -9.01
N HIS B 68 6.21 -6.18 -7.96
CA HIS B 68 5.72 -7.56 -7.95
C HIS B 68 4.90 -7.86 -9.20
N GLY B 69 4.06 -6.92 -9.63
CA GLY B 69 3.30 -7.16 -10.86
C GLY B 69 4.21 -7.33 -12.06
N LEU B 70 5.24 -6.50 -12.15
CA LEU B 70 6.20 -6.63 -13.24
C LEU B 70 6.91 -7.97 -13.19
N ALA B 71 7.29 -8.42 -11.99
CA ALA B 71 7.97 -9.71 -11.84
C ALA B 71 7.05 -10.87 -12.18
N ASN B 72 5.80 -10.80 -11.70
CA ASN B 72 4.83 -11.84 -11.95
C ASN B 72 4.46 -11.95 -13.43
N SER B 73 4.61 -10.88 -14.22
CA SER B 73 4.47 -10.99 -15.67
C SER B 73 5.76 -11.50 -16.33
N THR B 74 6.90 -10.96 -15.94
CA THR B 74 8.14 -11.27 -16.64
C THR B 74 8.61 -12.70 -16.42
N ARG B 75 8.37 -13.26 -15.23
CA ARG B 75 8.77 -14.63 -14.97
C ARG B 75 8.12 -15.62 -15.92
N LEU B 76 7.01 -15.21 -16.56
CA LEU B 76 6.32 -16.04 -17.57
C LEU B 76 7.16 -16.28 -18.82
N LEU B 77 8.12 -15.41 -19.10
CA LEU B 77 9.06 -15.66 -20.19
C LEU B 77 9.81 -16.98 -20.06
N GLY B 78 9.99 -17.49 -18.84
CA GLY B 78 10.61 -18.79 -18.63
C GLY B 78 9.75 -19.89 -18.04
N GLU B 79 8.53 -19.59 -17.59
CA GLU B 79 7.69 -20.64 -17.01
C GLU B 79 7.00 -21.41 -18.13
N PRO B 80 7.05 -22.75 -18.12
CA PRO B 80 6.45 -23.51 -19.22
C PRO B 80 4.92 -23.53 -19.13
N GLY B 81 4.28 -23.59 -20.28
CA GLY B 81 2.85 -23.77 -20.35
C GLY B 81 2.44 -25.24 -20.43
N ALA B 82 1.16 -25.45 -20.74
CA ALA B 82 0.67 -26.81 -20.92
C ALA B 82 1.50 -27.57 -21.94
N ASP B 83 1.78 -26.94 -23.08
CA ASP B 83 2.51 -27.58 -24.16
C ASP B 83 4.02 -27.63 -23.96
N GLY B 84 4.59 -26.87 -23.04
CA GLY B 84 6.04 -26.86 -22.86
C GLY B 84 6.66 -25.52 -23.18
N MET B 85 6.07 -24.80 -24.16
N MET B 85 6.08 -24.81 -24.14
CA MET B 85 6.64 -23.51 -24.55
CA MET B 85 6.51 -23.53 -24.65
C MET B 85 6.16 -22.41 -23.60
C MET B 85 6.19 -22.47 -23.59
N PRO B 86 6.85 -21.31 -23.61
CA PRO B 86 6.74 -20.45 -22.46
C PRO B 86 5.42 -19.75 -22.45
N GLN B 87 5.04 -19.33 -21.25
CA GLN B 87 3.71 -18.80 -21.14
C GLN B 87 3.62 -17.42 -21.75
N LEU B 88 4.74 -16.68 -21.81
CA LEU B 88 4.78 -15.35 -22.39
C LEU B 88 5.96 -15.32 -23.34
N ASN B 89 5.68 -15.03 -24.60
CA ASN B 89 6.68 -14.95 -25.65
C ASN B 89 6.70 -13.48 -26.05
N ALA B 90 7.37 -12.68 -25.25
CA ALA B 90 7.48 -11.25 -25.46
C ALA B 90 8.93 -10.85 -25.66
N SER B 91 9.14 -9.88 -26.54
CA SER B 91 10.47 -9.38 -26.85
C SER B 91 10.99 -8.42 -25.78
N ARG B 92 12.29 -8.13 -25.84
CA ARG B 92 12.88 -7.12 -24.96
C ARG B 92 12.20 -5.78 -25.10
N ASP B 93 11.88 -5.40 -26.34
CA ASP B 93 11.11 -4.18 -26.54
C ASP B 93 9.77 -4.21 -25.80
N GLU B 94 9.08 -5.34 -25.83
CA GLU B 94 7.78 -5.41 -25.15
C GLU B 94 7.95 -5.37 -23.63
N ILE B 95 8.97 -6.02 -23.09
CA ILE B 95 9.22 -5.90 -21.66
C ILE B 95 9.56 -4.46 -21.32
N SER B 96 10.36 -3.79 -22.18
CA SER B 96 10.67 -2.40 -21.89
C SER B 96 9.43 -1.53 -21.99
N ALA B 97 8.51 -1.85 -22.91
CA ALA B 97 7.26 -1.11 -22.95
C ALA B 97 6.49 -1.25 -21.63
N LEU B 98 6.56 -2.42 -20.98
CA LEU B 98 5.90 -2.56 -19.67
C LEU B 98 6.57 -1.64 -18.65
N LEU B 99 7.89 -1.54 -18.72
CA LEU B 99 8.62 -0.71 -17.77
C LEU B 99 8.35 0.75 -18.02
N ARG B 100 8.37 1.16 -19.29
CA ARG B 100 8.06 2.54 -19.61
CA ARG B 100 8.05 2.54 -19.62
C ARG B 100 6.64 2.88 -19.19
N SER B 101 5.68 1.97 -19.44
CA SER B 101 4.30 2.21 -19.06
C SER B 101 4.18 2.41 -17.55
N THR B 102 5.00 1.68 -16.77
CA THR B 102 4.98 1.84 -15.31
C THR B 102 5.41 3.24 -14.91
N VAL B 103 6.51 3.72 -15.50
CA VAL B 103 6.97 5.08 -15.19
C VAL B 103 5.90 6.09 -15.56
N GLN B 104 5.41 5.99 -16.79
CA GLN B 104 4.42 6.94 -17.29
C GLN B 104 3.19 7.02 -16.40
N ASN B 105 2.78 5.87 -15.85
CA ASN B 105 1.50 5.81 -15.15
C ASN B 105 1.64 5.79 -13.64
N ASN B 106 2.85 5.94 -13.09
CA ASN B 106 3.06 5.91 -11.65
C ASN B 106 3.92 7.11 -11.29
N PRO B 107 3.33 8.30 -11.21
CA PRO B 107 4.15 9.52 -11.07
C PRO B 107 4.88 9.66 -9.74
N LYS B 108 4.49 8.89 -8.73
CA LYS B 108 5.18 8.97 -7.45
C LYS B 108 6.50 8.25 -7.58
N LEU B 109 6.57 7.28 -8.49
CA LEU B 109 7.81 6.54 -8.65
C LEU B 109 8.82 7.36 -9.43
N LEU B 110 10.08 7.29 -9.00
CA LEU B 110 11.16 8.01 -9.65
C LEU B 110 11.53 7.35 -10.96
N ASP B 111 11.34 6.04 -11.05
CA ASP B 111 11.80 5.29 -12.21
C ASP B 111 11.19 3.90 -12.13
N THR B 112 11.65 3.02 -13.00
CA THR B 112 11.44 1.59 -12.93
C THR B 112 12.60 0.96 -13.65
N PHE B 113 13.11 -0.16 -13.14
CA PHE B 113 14.32 -0.71 -13.72
C PHE B 113 14.24 -2.22 -13.62
N MET B 114 14.99 -2.87 -14.51
CA MET B 114 15.05 -4.32 -14.46
C MET B 114 16.41 -4.78 -14.97
N ALA B 115 16.86 -5.90 -14.39
CA ALA B 115 18.12 -6.54 -14.79
C ALA B 115 17.88 -8.04 -14.87
N TRP B 116 18.36 -8.65 -15.93
CA TRP B 116 18.30 -10.10 -16.08
C TRP B 116 19.67 -10.69 -15.84
N GLU B 117 19.69 -11.95 -15.35
CA GLU B 117 20.94 -12.68 -15.28
C GLU B 117 21.50 -12.77 -16.70
N PRO B 118 22.81 -13.00 -16.82
CA PRO B 118 23.38 -13.25 -18.16
C PRO B 118 22.62 -14.37 -18.84
N ASN B 119 22.07 -14.05 -20.01
CA ASN B 119 21.38 -15.04 -20.84
C ASN B 119 20.18 -15.66 -20.16
N ALA B 120 19.51 -14.91 -19.28
CA ALA B 120 18.38 -15.45 -18.54
C ALA B 120 17.26 -15.92 -19.47
N PHE B 121 16.87 -15.07 -20.42
CA PHE B 121 15.70 -15.39 -21.24
C PHE B 121 16.02 -15.38 -22.73
N ASP B 122 17.27 -15.12 -23.10
CA ASP B 122 17.65 -15.10 -24.51
C ASP B 122 19.18 -15.14 -24.53
N THR B 123 19.74 -14.96 -25.70
CA THR B 123 21.18 -15.00 -25.87
C THR B 123 21.71 -13.56 -25.91
N ASP B 124 22.41 -13.16 -24.86
CA ASP B 124 22.86 -11.79 -24.77
C ASP B 124 23.66 -11.41 -26.01
N ALA B 125 24.49 -12.33 -26.51
CA ALA B 125 25.40 -11.97 -27.58
C ALA B 125 24.65 -11.49 -28.80
N ALA B 126 23.38 -11.87 -28.94
CA ALA B 126 22.64 -11.42 -30.10
C ALA B 126 22.34 -9.94 -30.03
N PHE B 127 22.52 -9.34 -28.86
CA PHE B 127 22.21 -7.93 -28.65
C PHE B 127 23.42 -7.08 -28.33
N ALA B 128 24.61 -7.67 -28.24
CA ALA B 128 25.80 -6.98 -27.80
C ALA B 128 26.14 -5.85 -28.76
N GLY B 129 26.35 -4.65 -28.21
CA GLY B 129 26.74 -3.51 -28.99
C GLY B 129 25.57 -2.60 -29.31
N GLN B 130 24.37 -3.08 -29.17
CA GLN B 130 23.23 -2.28 -29.54
C GLN B 130 23.01 -1.19 -28.50
N PRO B 131 23.00 0.07 -28.87
CA PRO B 131 22.86 1.11 -27.87
C PRO B 131 21.42 1.58 -27.76
N GLY B 132 21.21 2.39 -26.73
CA GLY B 132 19.99 3.12 -26.51
C GLY B 132 18.79 2.29 -26.11
N LYS B 133 18.99 1.04 -25.68
CA LYS B 133 17.88 0.19 -25.28
C LYS B 133 18.03 -0.32 -23.85
N GLY B 134 19.07 0.10 -23.14
CA GLY B 134 19.26 -0.38 -21.80
C GLY B 134 20.03 -1.67 -21.69
N TYR B 135 20.73 -2.06 -22.76
CA TYR B 135 21.59 -3.23 -22.76
C TYR B 135 22.99 -2.86 -22.29
N GLY B 136 23.64 -3.78 -21.61
CA GLY B 136 25.08 -3.68 -21.40
C GLY B 136 25.87 -3.93 -22.67
N PRO B 137 27.19 -3.68 -22.59
CA PRO B 137 28.06 -3.84 -23.77
C PRO B 137 28.04 -5.27 -24.31
N ASP B 138 27.91 -6.24 -23.42
CA ASP B 138 27.82 -7.64 -23.78
CA ASP B 138 27.83 -7.64 -23.80
C ASP B 138 26.41 -8.11 -24.12
N GLY B 139 25.43 -7.23 -24.10
CA GLY B 139 24.08 -7.64 -24.46
C GLY B 139 23.15 -7.93 -23.30
N ARG B 140 23.65 -7.94 -22.07
CA ARG B 140 22.80 -8.20 -20.93
C ARG B 140 21.66 -7.19 -20.90
N TYR B 141 20.46 -7.65 -20.53
CA TYR B 141 19.30 -6.77 -20.42
C TYR B 141 19.37 -6.04 -19.10
N LEU B 142 19.48 -4.71 -19.15
CA LEU B 142 19.68 -3.96 -17.92
C LEU B 142 19.04 -2.59 -17.92
N PRO B 143 17.80 -2.46 -18.39
CA PRO B 143 17.22 -1.12 -18.60
C PRO B 143 16.91 -0.40 -17.30
N TRP B 144 17.22 0.88 -17.27
CA TRP B 144 16.80 1.80 -16.21
C TRP B 144 15.98 2.88 -16.91
N TRP B 145 14.66 2.93 -16.63
CA TRP B 145 13.72 3.86 -17.28
C TRP B 145 13.41 4.98 -16.29
N TYR B 146 13.58 6.24 -16.71
CA TYR B 146 13.17 7.35 -15.86
C TYR B 146 12.75 8.48 -16.77
N ARG B 147 12.41 9.62 -16.19
CA ARG B 147 11.82 10.71 -16.94
C ARG B 147 12.90 11.74 -17.29
N GLY B 148 12.94 12.15 -18.57
CA GLY B 148 13.74 13.29 -19.00
C GLY B 148 13.11 14.62 -18.59
N ALA B 149 13.78 15.70 -18.98
CA ALA B 149 13.35 17.03 -18.56
C ALA B 149 11.96 17.34 -19.08
N ASP B 150 11.63 16.84 -20.26
CA ASP B 150 10.29 17.02 -20.77
C ASP B 150 9.29 16.02 -20.19
N GLY B 151 9.70 15.21 -19.20
CA GLY B 151 8.82 14.24 -18.57
C GLY B 151 8.56 12.97 -19.35
N LYS B 152 9.09 12.85 -20.57
CA LYS B 152 8.87 11.62 -21.32
CA LYS B 152 8.87 11.62 -21.35
C LYS B 152 9.93 10.58 -20.96
N PRO B 153 9.56 9.31 -20.85
CA PRO B 153 10.52 8.34 -20.31
C PRO B 153 11.73 8.15 -21.22
N ILE B 154 12.90 7.91 -20.58
CA ILE B 154 14.11 7.59 -21.31
C ILE B 154 14.88 6.48 -20.58
N VAL B 155 15.76 5.80 -21.32
CA VAL B 155 16.40 4.62 -20.76
C VAL B 155 17.92 4.76 -20.76
N GLU B 156 18.52 4.11 -19.79
CA GLU B 156 19.95 4.02 -19.54
C GLU B 156 20.20 2.56 -19.19
N ALA B 157 21.31 1.99 -19.64
CA ALA B 157 21.71 0.66 -19.18
C ALA B 157 22.37 0.77 -17.80
N MET B 158 22.09 -0.18 -16.92
CA MET B 158 22.76 -0.19 -15.62
C MET B 158 24.08 -0.91 -15.67
N ALA B 159 24.84 -0.74 -16.75
CA ALA B 159 25.98 -1.62 -16.94
C ALA B 159 27.08 -1.32 -15.93
N ASP B 160 27.19 -0.06 -15.49
CA ASP B 160 28.30 0.29 -14.61
C ASP B 160 27.98 -0.07 -13.16
N SER B 161 26.72 -0.13 -12.79
CA SER B 161 26.37 -0.39 -11.39
C SER B 161 26.09 -1.86 -11.09
N ILE B 162 25.62 -2.62 -12.06
CA ILE B 162 24.99 -3.91 -11.79
C ILE B 162 26.00 -4.90 -11.22
N ASP B 163 27.27 -4.76 -11.57
CA ASP B 163 28.31 -5.66 -11.11
C ASP B 163 29.23 -5.01 -10.06
N SER B 164 28.91 -3.80 -9.59
CA SER B 164 29.82 -3.04 -8.72
C SER B 164 29.36 -3.22 -7.28
N GLU B 165 30.22 -3.80 -6.47
CA GLU B 165 29.96 -3.88 -5.05
C GLU B 165 30.60 -2.70 -4.32
N LYS B 166 31.05 -1.69 -5.04
CA LYS B 166 31.69 -0.57 -4.39
C LYS B 166 30.73 0.03 -3.39
N LEU B 167 31.25 0.42 -2.25
CA LEU B 167 30.41 1.10 -1.27
C LEU B 167 30.23 2.55 -1.70
N LEU B 168 28.99 2.96 -1.87
CA LEU B 168 28.63 4.34 -2.16
C LEU B 168 28.75 5.21 -0.91
N PRO B 169 28.66 6.54 -1.06
CA PRO B 169 29.00 7.42 0.08
C PRO B 169 28.10 7.21 1.28
N THR B 170 26.92 6.60 1.11
CA THR B 170 25.98 6.32 2.20
C THR B 170 26.20 4.96 2.85
N GLY B 171 27.23 4.22 2.43
CA GLY B 171 27.55 2.92 2.97
C GLY B 171 26.87 1.74 2.30
N VAL B 172 26.10 1.97 1.24
CA VAL B 172 25.35 0.94 0.53
C VAL B 172 26.14 0.46 -0.68
N ARG B 173 26.16 -0.85 -0.92
CA ARG B 173 26.82 -1.36 -2.11
C ARG B 173 26.10 -0.86 -3.35
N GLU B 174 26.88 -0.48 -4.38
CA GLU B 174 26.29 0.13 -5.58
C GLU B 174 25.23 -0.76 -6.23
N ASN B 175 25.42 -2.08 -6.18
CA ASN B 175 24.49 -3.03 -6.79
C ASN B 175 23.60 -3.75 -5.77
N GLU B 176 23.50 -3.22 -4.54
CA GLU B 176 22.67 -3.87 -3.52
C GLU B 176 21.27 -4.14 -4.06
N PHE B 177 20.71 -3.20 -4.84
CA PHE B 177 19.35 -3.35 -5.39
C PHE B 177 19.17 -4.66 -6.13
N TYR B 178 20.26 -5.24 -6.66
CA TYR B 178 20.25 -6.51 -7.37
C TYR B 178 20.80 -7.66 -6.54
N ALA B 179 21.91 -7.40 -5.85
CA ALA B 179 22.57 -8.42 -5.04
C ALA B 179 21.66 -8.90 -3.93
N CYS B 180 20.81 -8.03 -3.36
CA CYS B 180 20.03 -8.47 -2.22
C CYS B 180 18.90 -9.40 -2.66
N PRO B 181 18.14 -9.08 -3.70
CA PRO B 181 17.14 -10.07 -4.20
C PRO B 181 17.76 -11.36 -4.69
N LYS B 182 18.91 -11.25 -5.35
CA LYS B 182 19.59 -12.46 -5.79
C LYS B 182 19.95 -13.36 -4.60
N GLU B 183 20.51 -12.77 -3.54
CA GLU B 183 20.99 -13.57 -2.41
CA GLU B 183 20.99 -13.56 -2.40
C GLU B 183 19.83 -14.17 -1.63
N ASN B 184 18.79 -13.38 -1.38
CA ASN B 184 17.73 -13.75 -0.47
C ASN B 184 16.45 -14.21 -1.15
N LYS B 185 16.29 -13.96 -2.44
N LYS B 185 16.28 -13.97 -2.45
CA LYS B 185 15.13 -14.44 -3.21
CA LYS B 185 15.12 -14.44 -3.21
C LYS B 185 13.81 -13.99 -2.58
C LYS B 185 13.81 -13.99 -2.57
N ARG B 186 13.76 -12.72 -2.21
CA ARG B 186 12.58 -12.12 -1.61
C ARG B 186 12.70 -10.61 -1.79
N PRO B 187 11.63 -9.89 -1.52
CA PRO B 187 11.69 -8.43 -1.68
C PRO B 187 12.75 -7.79 -0.79
N CYS B 188 13.32 -6.69 -1.30
CA CYS B 188 14.41 -5.96 -0.65
C CYS B 188 14.11 -4.48 -0.81
N ILE B 189 14.16 -3.73 0.30
CA ILE B 189 14.11 -2.29 0.32
C ILE B 189 15.48 -1.80 0.80
N ILE B 190 16.13 -0.96 -0.01
CA ILE B 190 17.53 -0.59 0.20
C ILE B 190 17.60 0.78 0.86
N ASP B 191 18.54 0.92 1.76
CA ASP B 191 18.75 2.18 2.45
C ASP B 191 19.18 3.22 1.41
N PRO B 192 19.12 4.49 1.77
CA PRO B 192 19.46 5.58 0.85
C PRO B 192 20.82 5.42 0.18
N ALA B 193 20.83 5.67 -1.12
CA ALA B 193 22.08 5.64 -1.85
C ALA B 193 21.98 6.67 -2.97
N PRO B 194 23.10 7.29 -3.34
CA PRO B 194 23.09 8.28 -4.43
C PRO B 194 23.41 7.64 -5.77
N TYR B 195 22.70 8.11 -6.79
CA TYR B 195 22.95 7.72 -8.16
C TYR B 195 22.82 8.93 -9.06
N GLU B 196 23.64 8.96 -10.10
CA GLU B 196 23.54 10.00 -11.13
C GLU B 196 22.36 9.71 -12.06
N MET B 197 21.45 10.67 -12.20
CA MET B 197 20.35 10.60 -13.15
C MET B 197 20.27 11.92 -13.87
N GLY B 198 20.35 11.87 -15.20
CA GLY B 198 20.31 13.09 -15.99
C GLY B 198 21.34 14.12 -15.60
N GLY B 199 22.54 13.69 -15.25
CA GLY B 199 23.59 14.63 -14.93
C GLY B 199 23.58 15.14 -13.50
N LYS B 200 22.72 14.60 -12.63
CA LYS B 200 22.59 15.11 -11.28
C LYS B 200 22.54 13.97 -10.29
N THR B 201 23.09 14.19 -9.09
CA THR B 201 23.14 13.16 -8.07
C THR B 201 21.84 13.20 -7.28
N VAL B 202 21.14 12.08 -7.26
CA VAL B 202 19.84 11.97 -6.59
C VAL B 202 19.96 10.90 -5.53
N MET B 203 19.61 11.25 -4.30
CA MET B 203 19.55 10.25 -3.24
C MET B 203 18.22 9.50 -3.35
N MET B 204 18.30 8.17 -3.31
CA MET B 204 17.08 7.38 -3.43
C MET B 204 17.16 6.08 -2.64
N SER B 205 15.97 5.51 -2.40
CA SER B 205 15.79 4.17 -1.85
C SER B 205 15.05 3.32 -2.87
N SER B 206 15.55 2.10 -3.13
CA SER B 206 14.91 1.22 -4.10
C SER B 206 14.04 0.13 -3.44
N PHE B 207 13.00 -0.30 -4.18
CA PHE B 207 12.00 -1.27 -3.79
C PHE B 207 12.09 -2.38 -4.84
N ASN B 208 12.60 -3.54 -4.44
CA ASN B 208 13.02 -4.55 -5.42
C ASN B 208 12.42 -5.91 -5.16
N VAL B 209 12.12 -6.63 -6.24
CA VAL B 209 11.68 -8.02 -6.10
C VAL B 209 12.42 -8.89 -7.11
N PRO B 210 12.64 -10.14 -6.72
CA PRO B 210 13.30 -11.06 -7.66
C PRO B 210 12.34 -11.54 -8.74
N ILE B 211 12.92 -11.88 -9.89
CA ILE B 211 12.21 -12.54 -10.98
C ILE B 211 12.62 -14.00 -10.87
N MET B 212 11.72 -14.79 -10.33
CA MET B 212 11.92 -16.20 -10.06
C MET B 212 11.17 -17.03 -11.10
N VAL B 213 11.87 -17.95 -11.74
CA VAL B 213 11.25 -19.01 -12.53
C VAL B 213 11.40 -20.29 -11.71
N GLY B 214 10.32 -20.73 -11.07
CA GLY B 214 10.42 -21.81 -10.12
C GLY B 214 11.20 -21.29 -8.94
N ASP B 215 12.29 -21.98 -8.62
CA ASP B 215 13.21 -21.58 -7.54
C ASP B 215 14.49 -20.96 -8.06
N GLN B 216 14.53 -20.57 -9.33
CA GLN B 216 15.73 -20.06 -9.99
C GLN B 216 15.59 -18.55 -10.12
N PHE B 217 16.58 -17.82 -9.62
CA PHE B 217 16.68 -16.38 -9.81
C PHE B 217 17.09 -16.09 -11.24
N ARG B 218 16.26 -15.37 -11.95
CA ARG B 218 16.60 -14.96 -13.31
C ARG B 218 16.87 -13.48 -13.44
N GLY B 219 16.66 -12.70 -12.39
CA GLY B 219 16.81 -11.27 -12.51
C GLY B 219 16.02 -10.63 -11.39
N ALA B 220 16.01 -9.31 -11.39
CA ALA B 220 15.21 -8.57 -10.43
C ALA B 220 14.68 -7.32 -11.11
N VAL B 221 13.62 -6.76 -10.52
CA VAL B 221 12.96 -5.59 -11.04
C VAL B 221 12.64 -4.67 -9.86
N GLY B 222 12.78 -3.36 -10.08
CA GLY B 222 12.64 -2.45 -8.96
C GLY B 222 12.20 -1.09 -9.40
N ALA B 223 11.89 -0.29 -8.38
CA ALA B 223 11.57 1.12 -8.52
C ALA B 223 12.13 1.86 -7.32
N ASP B 224 12.62 3.06 -7.61
CA ASP B 224 13.16 4.03 -6.66
C ASP B 224 12.08 5.04 -6.28
N LEU B 225 12.14 5.45 -5.02
CA LEU B 225 11.53 6.67 -4.52
C LEU B 225 12.68 7.61 -4.18
N SER B 226 12.55 8.86 -4.53
CA SER B 226 13.60 9.79 -4.16
C SER B 226 13.47 10.11 -2.69
N LEU B 227 14.60 10.38 -2.04
CA LEU B 227 14.53 10.89 -0.68
C LEU B 227 13.74 12.20 -0.62
N ALA B 228 13.79 13.01 -1.70
CA ALA B 228 13.00 14.25 -1.74
C ALA B 228 11.52 13.95 -1.57
N PHE B 229 11.04 12.90 -2.18
CA PHE B 229 9.63 12.53 -2.00
C PHE B 229 9.33 12.13 -0.57
N ILE B 230 10.16 11.27 0.02
CA ILE B 230 9.91 10.87 1.41
C ILE B 230 10.09 12.04 2.36
N GLN B 231 11.08 12.90 2.09
CA GLN B 231 11.28 14.06 2.95
C GLN B 231 10.03 14.92 2.98
N ASP B 232 9.49 15.19 1.78
CA ASP B 232 8.28 16.00 1.65
CA ASP B 232 8.28 16.00 1.64
C ASP B 232 7.11 15.39 2.40
N LEU B 233 6.91 14.08 2.26
CA LEU B 233 5.92 13.41 3.08
C LEU B 233 6.14 13.74 4.56
N LEU B 234 7.36 13.50 5.07
CA LEU B 234 7.57 13.66 6.51
C LEU B 234 7.42 15.12 6.93
N LYS B 235 7.85 16.05 6.07
CA LYS B 235 7.70 17.46 6.40
C LYS B 235 6.23 17.83 6.53
N ARG B 236 5.41 17.37 5.60
CA ARG B 236 3.99 17.72 5.67
CA ARG B 236 3.98 17.70 5.65
C ARG B 236 3.37 17.17 6.94
N ALA B 237 3.76 15.96 7.35
CA ALA B 237 3.28 15.41 8.62
C ALA B 237 3.79 16.18 9.83
N ASP B 238 5.06 16.60 9.84
CA ASP B 238 5.57 17.37 10.98
C ASP B 238 4.75 18.64 11.22
N GLN B 239 4.20 19.26 10.16
CA GLN B 239 3.42 20.47 10.36
CA GLN B 239 3.43 20.48 10.38
C GLN B 239 2.11 20.21 11.11
N GLN B 240 1.75 18.95 11.28
N GLN B 240 1.72 18.95 11.27
CA GLN B 240 0.59 18.56 12.06
CA GLN B 240 0.56 18.61 12.08
C GLN B 240 0.94 18.16 13.48
C GLN B 240 0.94 18.09 13.46
N LEU B 241 2.23 18.05 13.79
CA LEU B 241 2.71 17.65 15.11
C LEU B 241 3.15 18.87 15.92
N TYR B 242 2.42 19.16 16.99
CA TYR B 242 2.66 20.35 17.80
C TYR B 242 2.81 21.58 16.93
N ASP B 243 2.07 21.60 15.82
CA ASP B 243 2.03 22.72 14.88
C ASP B 243 3.41 23.07 14.34
N GLY B 244 4.10 22.04 13.86
CA GLY B 244 5.41 22.18 13.28
C GLY B 244 6.51 22.57 14.24
N ALA B 245 6.22 22.73 15.54
CA ALA B 245 7.27 23.11 16.50
C ALA B 245 8.38 22.06 16.61
N GLY B 246 8.08 20.79 16.33
CA GLY B 246 9.04 19.72 16.46
C GLY B 246 9.62 19.26 15.13
N GLU B 247 10.28 18.11 15.17
CA GLU B 247 10.90 17.52 14.00
C GLU B 247 10.56 16.03 13.96
N MET B 248 10.72 15.46 12.77
CA MET B 248 10.66 14.02 12.55
C MET B 248 11.86 13.58 11.74
N ALA B 249 12.19 12.31 11.88
CA ALA B 249 13.24 11.70 11.08
C ALA B 249 12.83 10.28 10.74
N LEU B 250 13.42 9.73 9.71
CA LEU B 250 13.24 8.31 9.41
C LEU B 250 14.62 7.76 9.29
N ILE B 251 14.92 6.71 10.02
CA ILE B 251 16.27 6.18 10.11
C ILE B 251 16.26 4.81 9.46
N ALA B 252 17.16 4.61 8.50
CA ALA B 252 17.22 3.39 7.72
C ALA B 252 17.91 2.30 8.53
N SER B 253 17.97 1.08 7.97
N SER B 253 17.94 1.09 7.95
CA SER B 253 18.46 -0.04 8.77
CA SER B 253 18.46 -0.08 8.63
C SER B 253 19.92 0.10 9.14
C SER B 253 19.89 0.14 9.13
N ASN B 254 20.70 0.81 8.32
CA ASN B 254 22.11 1.06 8.59
C ASN B 254 22.34 2.37 9.34
N GLY B 255 21.27 2.96 9.88
CA GLY B 255 21.36 4.14 10.73
C GLY B 255 21.42 5.46 10.00
N ARG B 256 21.30 5.48 8.69
CA ARG B 256 21.39 6.71 7.93
C ARG B 256 20.01 7.30 7.68
N LEU B 257 19.98 8.61 7.43
CA LEU B 257 18.72 9.33 7.43
C LEU B 257 18.02 9.20 6.06
N VAL B 258 16.87 8.56 6.06
CA VAL B 258 16.01 8.55 4.89
C VAL B 258 15.30 9.88 4.77
N ALA B 259 14.97 10.47 5.92
CA ALA B 259 14.30 11.74 6.00
C ALA B 259 14.69 12.42 7.30
N TYR B 260 14.71 13.75 7.24
CA TYR B 260 15.03 14.55 8.40
C TYR B 260 14.44 15.92 8.17
N THR B 261 13.35 16.23 8.88
CA THR B 261 12.58 17.40 8.53
C THR B 261 13.34 18.69 8.82
N ARG B 262 14.31 18.67 9.75
CA ARG B 262 14.95 19.92 10.14
C ARG B 262 15.94 20.42 9.08
N ASP B 263 16.49 19.52 8.28
CA ASP B 263 17.69 19.86 7.49
C ASP B 263 17.84 18.92 6.31
N ASP B 264 17.49 19.45 5.14
CA ASP B 264 17.54 18.67 3.91
C ASP B 264 18.93 18.14 3.63
N SER B 265 19.95 18.80 4.17
CA SER B 265 21.33 18.46 3.82
C SER B 265 21.83 17.23 4.56
N LYS B 266 21.06 16.69 5.51
CA LYS B 266 21.43 15.48 6.23
C LYS B 266 20.83 14.22 5.60
N LEU B 267 20.00 14.35 4.59
CA LEU B 267 19.47 13.18 3.92
C LEU B 267 20.63 12.30 3.47
N GLY B 268 20.62 11.01 3.82
CA GLY B 268 21.75 10.14 3.58
C GLY B 268 22.79 10.08 4.68
N GLU B 269 22.83 11.06 5.59
CA GLU B 269 23.89 11.10 6.59
C GLU B 269 23.58 10.19 7.77
N PRO B 270 24.59 9.79 8.55
CA PRO B 270 24.32 8.96 9.75
C PRO B 270 23.48 9.73 10.75
N ALA B 271 22.42 9.07 11.23
CA ALA B 271 21.64 9.67 12.31
C ALA B 271 22.52 9.99 13.51
N GLY B 272 23.56 9.19 13.76
CA GLY B 272 24.49 9.49 14.84
C GLY B 272 25.16 10.85 14.71
N SER B 273 25.21 11.39 13.49
CA SER B 273 25.83 12.69 13.27
C SER B 273 24.98 13.85 13.74
N VAL B 274 23.69 13.63 13.93
CA VAL B 274 22.77 14.70 14.30
C VAL B 274 22.05 14.45 15.62
N LEU B 275 22.41 13.41 16.36
CA LEU B 275 21.76 13.03 17.62
C LEU B 275 22.80 12.89 18.70
N ASP B 276 22.61 13.65 19.78
N ASP B 276 22.65 13.65 19.76
CA ASP B 276 23.67 13.81 20.77
CA ASP B 276 23.71 13.75 20.74
C ASP B 276 23.68 12.71 21.82
C ASP B 276 23.71 12.66 21.79
N GLY B 277 22.71 11.78 21.82
CA GLY B 277 22.64 10.77 22.84
C GLY B 277 23.24 9.43 22.45
N ASN B 278 22.93 8.43 23.26
N ASN B 278 22.93 8.43 23.26
CA ASN B 278 23.29 7.07 22.92
CA ASN B 278 23.31 7.07 22.92
C ASN B 278 22.27 6.42 21.97
C ASN B 278 22.28 6.41 21.99
N GLU B 279 21.46 7.22 21.29
CA GLU B 279 20.17 6.80 20.72
C GLU B 279 20.33 5.73 19.66
N VAL B 280 21.16 6.03 18.68
CA VAL B 280 21.16 5.19 17.51
C VAL B 280 21.79 3.85 17.83
N ASP B 281 22.74 3.85 18.76
CA ASP B 281 23.40 2.62 19.13
C ASP B 281 22.40 1.57 19.56
N ASN B 282 21.56 1.85 20.57
CA ASN B 282 20.65 0.84 21.06
C ASN B 282 19.27 0.88 20.40
N LEU B 283 19.15 1.43 19.19
CA LEU B 283 18.02 1.09 18.33
C LEU B 283 18.15 -0.35 17.85
N LYS B 284 19.38 -0.84 17.73
CA LYS B 284 19.59 -2.23 17.35
C LYS B 284 18.95 -3.17 18.36
N ASN B 285 18.90 -2.75 19.62
CA ASN B 285 18.36 -3.58 20.70
C ASN B 285 16.86 -3.42 20.91
N LEU B 286 16.18 -2.64 20.05
CA LEU B 286 14.78 -2.31 20.23
C LEU B 286 13.91 -3.18 19.33
N THR B 287 12.84 -3.77 19.89
CA THR B 287 11.96 -4.64 19.10
C THR B 287 11.08 -3.87 18.11
N VAL B 288 10.85 -4.46 16.92
CA VAL B 288 9.94 -3.84 15.96
C VAL B 288 8.62 -3.52 16.67
N ASP B 289 8.03 -2.38 16.35
CA ASP B 289 6.76 -1.85 16.88
C ASP B 289 6.77 -1.52 18.37
N GLN B 290 7.95 -1.50 19.00
CA GLN B 290 8.06 -1.03 20.38
C GLN B 290 8.52 0.42 20.45
N PRO B 291 7.75 1.32 21.07
CA PRO B 291 8.20 2.70 21.23
C PRO B 291 9.23 2.83 22.32
N LEU B 292 10.07 3.86 22.18
CA LEU B 292 11.12 4.13 23.15
C LEU B 292 11.35 5.64 23.25
N TYR B 293 11.14 6.17 24.45
CA TYR B 293 11.44 7.56 24.72
C TYR B 293 12.90 7.67 25.12
N ASP B 294 13.51 8.77 24.70
CA ASP B 294 14.80 9.20 25.22
C ASP B 294 14.66 10.69 25.58
N ILE B 295 14.72 11.02 26.86
CA ILE B 295 14.50 12.39 27.34
C ILE B 295 15.85 13.00 27.66
N ASP B 296 16.15 14.13 27.03
CA ASP B 296 17.40 14.89 27.24
C ASP B 296 17.05 16.30 27.73
N ALA B 297 17.21 16.56 29.02
CA ALA B 297 16.78 17.81 29.59
C ALA B 297 17.81 18.85 29.25
N GLU B 298 18.99 18.38 28.84
CA GLU B 298 20.10 19.30 28.71
CA GLU B 298 20.15 19.24 28.68
C GLU B 298 20.08 20.08 27.38
N HIS B 299 19.60 19.46 26.31
CA HIS B 299 19.30 20.16 25.08
C HIS B 299 17.81 20.41 24.88
N GLY B 300 17.00 20.26 25.93
CA GLY B 300 15.58 20.56 25.87
C GLY B 300 14.79 19.73 24.88
N HIS B 301 15.10 18.44 24.75
CA HIS B 301 14.54 17.61 23.68
C HIS B 301 13.85 16.36 24.22
N ILE B 302 12.64 16.11 23.80
CA ILE B 302 12.00 14.81 24.00
C ILE B 302 12.09 14.06 22.67
N GLU B 303 12.64 12.85 22.68
CA GLU B 303 12.73 12.02 21.47
C GLU B 303 11.97 10.72 21.65
N LEU B 304 11.18 10.35 20.62
CA LEU B 304 10.39 9.12 20.57
C LEU B 304 10.79 8.39 19.31
N PHE B 305 11.28 7.17 19.50
CA PHE B 305 11.58 6.25 18.42
C PHE B 305 10.56 5.13 18.34
N LEU B 306 10.19 4.79 17.10
CA LEU B 306 9.28 3.67 16.81
C LEU B 306 9.79 2.91 15.59
N PRO B 307 10.41 1.74 15.78
CA PRO B 307 10.88 0.97 14.61
C PRO B 307 9.74 0.20 14.00
N PHE B 308 9.87 -0.08 12.70
CA PHE B 308 8.81 -0.72 11.96
C PHE B 308 9.40 -1.50 10.80
N THR B 309 8.58 -2.36 10.19
CA THR B 309 8.97 -3.01 8.96
C THR B 309 7.89 -2.76 7.89
N ILE B 310 8.16 -3.24 6.67
CA ILE B 310 7.33 -3.02 5.48
C ILE B 310 7.12 -4.38 4.86
N ALA B 311 5.89 -4.87 4.93
CA ALA B 311 5.47 -6.12 4.28
C ALA B 311 6.47 -7.21 4.66
N ASP B 312 6.92 -8.04 3.72
CA ASP B 312 7.85 -9.13 3.94
C ASP B 312 9.26 -8.76 3.49
N SER B 313 9.55 -7.46 3.44
CA SER B 313 10.85 -7.01 2.99
C SER B 313 11.93 -7.26 4.04
N GLY B 314 11.56 -7.39 5.31
CA GLY B 314 12.58 -7.51 6.34
C GLY B 314 13.25 -6.20 6.71
N VAL B 315 12.84 -5.10 6.12
CA VAL B 315 13.50 -3.86 6.42
C VAL B 315 13.28 -3.46 7.87
N ARG B 316 14.22 -2.76 8.42
CA ARG B 316 14.15 -2.24 9.78
CA ARG B 316 14.13 -2.26 9.80
C ARG B 316 14.46 -0.76 9.70
N TRP B 317 13.41 0.07 9.60
CA TRP B 317 13.55 1.51 9.65
C TRP B 317 12.92 2.01 10.95
N THR B 318 13.33 3.20 11.40
CA THR B 318 12.82 3.75 12.64
C THR B 318 12.30 5.16 12.44
N LEU B 319 11.05 5.40 12.83
CA LEU B 319 10.54 6.76 12.89
C LEU B 319 10.95 7.39 14.20
N MET B 320 11.39 8.64 14.14
CA MET B 320 11.71 9.46 15.30
C MET B 320 10.87 10.72 15.31
N LEU B 321 10.28 11.01 16.46
CA LEU B 321 9.63 12.28 16.74
C LEU B 321 10.44 13.02 17.77
N GLN B 322 10.74 14.29 17.46
CA GLN B 322 11.50 15.16 18.35
C GLN B 322 10.65 16.37 18.69
N ILE B 323 10.35 16.52 19.98
CA ILE B 323 9.42 17.54 20.47
C ILE B 323 10.16 18.45 21.46
N PRO B 324 10.04 19.78 21.35
CA PRO B 324 10.66 20.66 22.35
C PRO B 324 10.11 20.38 23.73
N GLN B 325 11.01 20.17 24.68
CA GLN B 325 10.59 19.85 26.05
C GLN B 325 9.70 20.93 26.60
N ALA B 326 9.96 22.18 26.23
CA ALA B 326 9.21 23.28 26.83
C ALA B 326 7.77 23.23 26.38
N ALA B 327 7.51 22.65 25.21
CA ALA B 327 6.14 22.50 24.75
C ALA B 327 5.38 21.51 25.63
N VAL B 328 6.04 20.41 26.00
CA VAL B 328 5.43 19.45 26.91
C VAL B 328 5.36 19.99 28.33
N PHE B 329 6.42 20.69 28.77
N PHE B 329 6.40 20.71 28.76
CA PHE B 329 6.36 21.38 30.06
CA PHE B 329 6.35 21.39 30.05
C PHE B 329 5.13 22.28 30.13
C PHE B 329 5.16 22.33 30.15
N GLY B 330 4.88 23.04 29.06
CA GLY B 330 3.76 23.97 29.07
C GLY B 330 2.44 23.25 29.17
N GLU B 331 2.31 22.12 28.51
CA GLU B 331 1.07 21.34 28.63
C GLU B 331 0.88 20.81 30.05
N LEU B 332 1.94 20.30 30.67
CA LEU B 332 1.88 19.86 32.06
C LEU B 332 1.39 20.96 32.98
N GLN B 333 1.89 22.20 32.82
CA GLN B 333 1.43 23.31 33.65
C GLN B 333 -0.07 23.49 33.52
N GLN B 334 -0.55 23.58 32.28
CA GLN B 334 -1.98 23.78 32.07
C GLN B 334 -2.78 22.58 32.59
N LEU B 335 -2.25 21.37 32.44
CA LEU B 335 -2.89 20.19 33.02
C LEU B 335 -2.92 20.28 34.54
N GLN B 336 -1.79 20.62 35.16
CA GLN B 336 -1.72 20.71 36.61
CA GLN B 336 -1.71 20.72 36.61
C GLN B 336 -2.67 21.79 37.13
N GLY B 337 -2.69 22.95 36.48
CA GLY B 337 -3.56 24.04 36.86
C GLY B 337 -5.03 23.70 36.74
N GLU B 338 -5.47 23.26 35.56
CA GLU B 338 -6.86 22.85 35.38
C GLU B 338 -7.31 21.89 36.49
N LEU B 339 -6.44 20.94 36.85
CA LEU B 339 -6.76 20.03 37.94
C LEU B 339 -6.91 20.78 39.25
N SER B 340 -6.02 21.73 39.53
CA SER B 340 -6.09 22.47 40.78
C SER B 340 -7.32 23.38 40.81
N ASP B 341 -7.68 23.97 39.68
CA ASP B 341 -8.82 24.88 39.64
C ASP B 341 -10.08 24.20 40.15
N GLN B 342 -10.33 22.98 39.68
CA GLN B 342 -11.48 22.20 40.10
C GLN B 342 -11.04 20.97 40.87
C4 CHT C . -16.59 -9.08 -9.48
C5 CHT C . -17.36 -9.80 -10.60
C6 CHT C . -18.04 -11.88 -11.61
C7 CHT C . -17.27 -11.83 -9.32
C8 CHT C . -15.77 -11.57 -11.06
O6 CHT C . -17.11 -9.22 -8.16
N1 CHT C . -17.12 -11.24 -10.64
HC41 CHT C . -15.68 -9.43 -9.48
HC42 CHT C . -16.56 -8.13 -9.69
HC51 CHT C . -17.10 -9.42 -11.45
HC52 CHT C . -18.31 -9.65 -10.46
H61 CHT C . -17.79 -12.81 -11.74
H62 CHT C . -17.98 -11.42 -12.46
H63 CHT C . -18.95 -11.84 -11.28
H71 CHT C . -18.07 -11.47 -8.90
H72 CHT C . -16.49 -11.59 -8.77
H73 CHT C . -17.34 -12.79 -9.39
H81 CHT C . -15.56 -11.09 -11.87
H82 CHT C . -15.70 -12.53 -11.22
H83 CHT C . -15.15 -11.31 -10.37
HO6 CHT C . -17.38 -8.46 -7.87
C4 CHT D . -3.74 5.34 -29.65
C5 CHT D . -4.96 5.56 -30.57
C6 CHT D . -4.65 3.23 -31.10
C7 CHT D . -5.59 4.69 -32.66
C8 CHT D . -6.87 4.06 -30.78
O6 CHT D . -3.46 6.38 -28.73
N1 CHT D . -5.51 4.38 -31.24
HC41 CHT D . -3.88 4.52 -29.15
HC42 CHT D . -2.95 5.24 -30.22
HC51 CHT D . -4.70 6.20 -31.25
HC52 CHT D . -5.66 5.94 -30.01
H61 CHT D . -4.99 2.50 -31.65
H62 CHT D . -3.75 3.45 -31.37
H63 CHT D . -4.64 2.94 -30.17
H71 CHT D . -4.71 4.64 -33.06
H72 CHT D . -6.18 4.07 -33.11
H73 CHT D . -5.94 5.59 -32.78
H81 CHT D . -7.50 4.65 -31.22
H82 CHT D . -7.08 3.14 -30.98
H83 CHT D . -6.92 4.20 -29.82
HO6 CHT D . -3.82 6.18 -27.98
C1 EDO E . -18.97 2.96 -6.13
O1 EDO E . -18.14 3.98 -6.73
C2 EDO E . -19.63 2.12 -7.22
O2 EDO E . -20.98 2.48 -7.53
H11 EDO E . -18.35 2.33 -5.49
H12 EDO E . -19.73 3.44 -5.50
HO1 EDO E . -17.49 3.57 -7.31
H21 EDO E . -19.62 1.07 -6.90
H22 EDO E . -19.03 2.19 -8.13
HO2 EDO E . -21.01 2.90 -8.40
C1 EDO F . -3.18 -4.64 12.15
O1 EDO F . -4.24 -3.81 11.62
C2 EDO F . -1.84 -3.93 11.93
O2 EDO F . -1.61 -2.92 12.94
H11 EDO F . -3.18 -5.61 11.65
H12 EDO F . -3.33 -4.80 13.21
HO1 EDO F . -5.08 -4.28 11.69
H21 EDO F . -1.84 -3.46 10.94
H22 EDO F . -1.03 -4.66 11.94
HO2 EDO F . -0.75 -2.51 12.78
C4 CHT G . 18.24 1.34 -7.75
C5 CHT G . 19.40 1.26 -8.74
C6 CHT G . 19.41 3.59 -9.36
C7 CHT G . 18.20 1.93 -10.67
C8 CHT G . 20.61 2.04 -10.58
O6 CHT G . 18.46 2.37 -6.82
N1 CHT G . 19.37 2.21 -9.83
HC41 CHT G . 17.41 1.52 -8.23
HC42 CHT G . 18.15 0.49 -7.28
HC51 CHT G . 19.40 0.37 -9.13
HC52 CHT G . 20.23 1.40 -8.24
H61 CHT G . 19.60 4.18 -10.10
H62 CHT G . 20.09 3.68 -8.67
H63 CHT G . 18.54 3.83 -8.98
H71 CHT G . 18.03 0.98 -10.68
H72 CHT G . 18.37 2.24 -11.58
H73 CHT G . 17.43 2.40 -10.31
H81 CHT G . 20.64 2.68 -11.30
H82 CHT G . 21.37 2.20 -9.98
H83 CHT G . 20.66 1.14 -10.93
HO6 CHT G . 18.62 2.02 -6.06
C1 EDO H . 3.20 -4.71 7.38
O1 EDO H . 2.41 -4.80 8.57
C2 EDO H . 3.01 -3.29 6.82
O2 EDO H . 3.94 -3.07 5.74
H11 EDO H . 4.25 -4.89 7.61
H12 EDO H . 2.87 -5.45 6.65
HO1 EDO H . 2.49 -3.98 9.07
H21 EDO H . 3.19 -2.55 7.61
H22 EDO H . 1.99 -3.17 6.46
HO2 EDO H . 3.88 -2.15 5.45
C1 GOL I . -0.93 18.74 19.88
O1 GOL I . -2.15 19.39 19.58
C2 GOL I . -0.37 18.23 18.55
O2 GOL I . 0.68 17.36 18.73
C3 GOL I . -1.57 17.54 17.84
O3 GOL I . -2.13 18.48 16.92
H11 GOL I . -1.06 18.00 20.49
H12 GOL I . -0.29 19.33 20.31
HO1 GOL I . -2.38 19.84 20.26
H2 GOL I . -0.03 18.97 18.01
HO2 GOL I . 0.84 16.97 17.99
H31 GOL I . -2.20 17.24 18.52
H32 GOL I . -1.24 16.73 17.41
HO3 GOL I . -1.57 18.60 16.30
C1 EDO J . 0.18 5.76 -2.70
O1 EDO J . -0.23 4.77 -1.74
C2 EDO J . -0.19 5.36 -4.13
O2 EDO J . -1.54 4.87 -4.23
H11 EDO J . 1.26 5.90 -2.63
H12 EDO J . -0.30 6.71 -2.46
HO1 EDO J . 0.04 5.05 -0.84
H21 EDO J . 0.51 4.58 -4.47
H22 EDO J . -0.07 6.23 -4.79
HO2 EDO J . -2.01 5.37 -4.90
C1 EDO K . 16.02 -5.20 2.62
O1 EDO K . 14.63 -5.27 2.97
C2 EDO K . 16.98 -5.80 3.65
O2 EDO K . 16.98 -7.24 3.55
H11 EDO K . 16.29 -4.16 2.45
H12 EDO K . 16.17 -5.73 1.68
HO1 EDO K . 14.10 -5.05 2.21
H21 EDO K . 16.68 -5.50 4.65
H22 EDO K . 18.00 -5.42 3.48
HO2 EDO K . 17.88 -7.55 3.43
C1 EDO L . 8.92 12.29 -7.22
O1 EDO L . 7.52 12.59 -7.22
C2 EDO L . 9.22 11.41 -8.43
O2 EDO L . 9.44 12.15 -9.64
H11 EDO L . 9.20 11.78 -6.30
H12 EDO L . 9.50 13.22 -7.28
HO1 EDO L . 7.34 13.33 -6.63
H21 EDO L . 8.38 10.73 -8.59
H22 EDO L . 10.11 10.80 -8.23
HO2 EDO L . 9.90 12.98 -9.43
#